data_5TVW
#
_entry.id   5TVW
#
_cell.length_a   178.490
_cell.length_b   97.181
_cell.length_c   125.904
_cell.angle_alpha   90.00
_cell.angle_beta   134.64
_cell.angle_gamma   90.00
#
_symmetry.space_group_name_H-M   'C 1 2 1'
#
loop_
_entity.id
_entity.type
_entity.pdbx_description
1 polymer 'TNF receptor-associated protein 1'
2 non-polymer "ADENOSINE-5'-DIPHOSPHATE"
3 non-polymer 'COBALT (II) ION'
4 non-polymer "ADENOSINE-5'-TRIPHOSPHATE"
5 water water
#
_entity_poly.entity_id   1
_entity_poly.type   'polypeptide(L)'
_entity_poly.pdbx_seq_one_letter_code
;GIDPFTSTQQHTEPAEEETLHNIITDTENVQGSFSKHEFQAETKKLLDIVARSLYSEKEVFIRELISNGSDALEKLRHRM
ITAGGDTAPMEIHLQTDSVKGTFTIQDTGVGMNKEDLVSNLGTIARSGSKAFLDALQNQAEASSSIIGQFGVGFYSAFMV
ADKVEVYSQSAEADAPGYKWSSDGSGVFEVAEASGVRQGTKIVLHLKDDCKEFSSEDRVKEVVTKYSNFVSFPIFLNGRR
LNTLQALWMMEPKDISEWQHEEFYRYVAQAYDKPRYTLHYRADAPLNIRSIFYVPEMKPSMFDVSREMGSSVALYSRKIL
IQTKATDILPKWLRFLRGVVDSEDIPLNLSRELLQESALIRKLRDVLQQRVIRFLLDQSKKDPEKYARFFEDYGLFMREG
IVTTGEQSVKEDIAKLLRFESSALPAGQQTSLMEYSSRMKAGTRNIYYLCAPNRHLAEHSPYFEAMKQKDMEVLFCFEQF
DELTLLHLREFDRKKLISAETDIVVDHYKEEKFQDSKPASERLSSEQAEDLLAWMRNALVQRVTNIKVTPRLDTHPAMIT
VLEMGAARHFLRTQQLARSSEERAQILQPTLEINTGHDLIKKLHALKDSNPELAQLLLEQIYDNAMIAAGLNEDPRPMIS
RLNQLLTRALEKH
;
_entity_poly.pdbx_strand_id   A,B
#
# COMPACT_ATOMS: atom_id res chain seq x y z
N THR A 19 46.82 1.84 -10.74
CA THR A 19 45.80 1.15 -9.97
C THR A 19 44.54 0.92 -10.82
N LEU A 20 44.57 1.38 -12.06
CA LEU A 20 43.49 1.17 -13.01
C LEU A 20 43.73 -0.10 -13.82
N HIS A 21 42.65 -0.64 -14.38
CA HIS A 21 42.73 -1.87 -15.17
C HIS A 21 41.60 -1.81 -16.20
N ASN A 22 41.96 -1.45 -17.43
CA ASN A 22 41.00 -1.35 -18.52
C ASN A 22 41.56 -2.09 -19.73
N ILE A 23 40.71 -2.89 -20.36
CA ILE A 23 41.08 -3.61 -21.57
C ILE A 23 40.43 -3.04 -22.82
N ILE A 24 39.53 -2.07 -22.69
CA ILE A 24 38.85 -1.49 -23.85
C ILE A 24 39.79 -0.47 -24.48
N THR A 25 40.32 -0.80 -25.65
CA THR A 25 41.21 0.09 -26.37
C THR A 25 40.86 0.06 -27.85
N ASP A 26 41.06 1.19 -28.53
CA ASP A 26 40.80 1.32 -29.96
C ASP A 26 41.92 0.62 -30.71
N THR A 27 41.77 -0.68 -30.91
CA THR A 27 42.78 -1.49 -31.58
C THR A 27 42.25 -2.23 -32.80
N GLU A 28 40.98 -2.06 -33.14
CA GLU A 28 40.36 -2.79 -34.24
C GLU A 28 40.42 -1.96 -35.52
N ASN A 29 40.70 -2.62 -36.64
CA ASN A 29 40.69 -2.00 -37.95
C ASN A 29 40.11 -2.99 -38.94
N VAL A 30 39.21 -2.51 -39.80
CA VAL A 30 38.53 -3.38 -40.74
C VAL A 30 39.41 -3.61 -41.97
N GLN A 31 39.62 -4.87 -42.31
CA GLN A 31 40.37 -5.25 -43.50
C GLN A 31 39.48 -6.11 -44.38
N GLY A 32 39.17 -5.61 -45.57
CA GLY A 32 38.29 -6.28 -46.50
C GLY A 32 37.06 -5.44 -46.80
N SER A 33 36.11 -6.07 -47.48
CA SER A 33 34.87 -5.42 -47.87
C SER A 33 33.71 -5.92 -47.02
N PHE A 34 32.69 -5.08 -46.88
CA PHE A 34 31.50 -5.42 -46.11
C PHE A 34 30.56 -6.30 -46.92
N SER A 35 29.81 -7.14 -46.21
CA SER A 35 28.76 -7.96 -46.81
C SER A 35 27.43 -7.59 -46.15
N LYS A 36 26.48 -7.14 -46.95
CA LYS A 36 25.21 -6.66 -46.43
C LYS A 36 24.24 -7.81 -46.21
N HIS A 37 23.49 -7.75 -45.11
CA HIS A 37 22.45 -8.71 -44.81
C HIS A 37 21.24 -7.98 -44.25
N GLU A 38 20.08 -8.62 -44.34
CA GLU A 38 18.86 -8.11 -43.75
C GLU A 38 18.52 -8.91 -42.49
N PHE A 39 17.96 -8.20 -41.51
CA PHE A 39 17.54 -8.86 -40.27
C PHE A 39 16.49 -9.93 -40.56
N GLN A 40 16.60 -11.04 -39.86
CA GLN A 40 15.71 -12.19 -40.03
C GLN A 40 14.87 -12.38 -38.78
N ALA A 41 14.01 -13.40 -38.82
CA ALA A 41 13.18 -13.75 -37.67
C ALA A 41 12.95 -15.25 -37.66
N GLU A 42 13.19 -15.88 -36.52
CA GLU A 42 12.84 -17.29 -36.31
C GLU A 42 11.36 -17.34 -35.98
N THR A 43 10.54 -17.55 -37.01
CA THR A 43 9.09 -17.33 -36.90
C THR A 43 8.46 -18.30 -35.90
N LYS A 44 8.91 -19.55 -35.88
CA LYS A 44 8.31 -20.53 -34.98
C LYS A 44 8.56 -20.19 -33.52
N LYS A 45 9.79 -19.79 -33.18
CA LYS A 45 10.09 -19.36 -31.82
C LYS A 45 9.40 -18.04 -31.51
N LEU A 46 9.40 -17.10 -32.46
CA LEU A 46 8.73 -15.82 -32.24
C LEU A 46 7.24 -15.98 -32.05
N LEU A 47 6.61 -16.90 -32.79
CA LEU A 47 5.19 -17.18 -32.57
C LEU A 47 4.95 -17.61 -31.12
N ASP A 48 5.88 -18.37 -30.55
CA ASP A 48 5.71 -18.82 -29.17
C ASP A 48 5.91 -17.67 -28.19
N ILE A 49 6.88 -16.79 -28.47
CA ILE A 49 7.15 -15.65 -27.60
C ILE A 49 5.94 -14.72 -27.51
N VAL A 50 5.37 -14.34 -28.66
CA VAL A 50 4.24 -13.42 -28.66
C VAL A 50 2.96 -14.07 -28.15
N ALA A 51 2.91 -15.39 -28.08
CA ALA A 51 1.71 -16.07 -27.59
C ALA A 51 1.68 -16.20 -26.07
N ARG A 52 2.83 -16.35 -25.41
CA ARG A 52 2.76 -16.54 -23.97
C ARG A 52 3.75 -15.75 -23.15
N SER A 53 4.66 -14.99 -23.75
CA SER A 53 5.69 -14.30 -22.99
C SER A 53 5.49 -12.79 -22.91
N LEU A 54 4.34 -12.28 -23.34
CA LEU A 54 4.12 -10.84 -23.34
C LEU A 54 3.36 -10.33 -22.13
N TYR A 55 2.44 -11.12 -21.58
CA TYR A 55 1.50 -10.63 -20.59
C TYR A 55 1.74 -11.31 -19.24
N SER A 56 1.23 -10.69 -18.20
CA SER A 56 1.34 -11.25 -16.87
C SER A 56 0.22 -12.23 -16.53
N GLU A 57 -0.87 -12.24 -17.30
CA GLU A 57 -2.01 -13.12 -17.08
C GLU A 57 -2.47 -13.72 -18.40
N LYS A 58 -2.72 -15.03 -18.44
CA LYS A 58 -3.19 -15.64 -19.67
C LYS A 58 -4.61 -15.19 -20.03
N GLU A 59 -5.40 -14.73 -19.06
CA GLU A 59 -6.77 -14.27 -19.29
C GLU A 59 -6.84 -13.11 -20.28
N VAL A 60 -5.69 -12.51 -20.60
CA VAL A 60 -5.62 -11.33 -21.45
C VAL A 60 -6.11 -11.59 -22.86
N PHE A 61 -6.13 -12.86 -23.30
CA PHE A 61 -6.60 -13.16 -24.65
C PHE A 61 -8.03 -12.68 -24.88
N ILE A 62 -8.83 -12.62 -23.81
CA ILE A 62 -10.21 -12.12 -23.94
C ILE A 62 -10.20 -10.62 -24.22
N ARG A 63 -9.33 -9.87 -23.53
CA ARG A 63 -9.18 -8.44 -23.78
C ARG A 63 -8.71 -8.19 -25.21
N GLU A 64 -7.78 -9.01 -25.69
CA GLU A 64 -7.23 -8.84 -27.04
C GLU A 64 -8.28 -9.12 -28.11
N LEU A 65 -9.04 -10.22 -27.97
CA LEU A 65 -10.02 -10.59 -28.99
C LEU A 65 -11.22 -9.65 -29.00
N ILE A 66 -11.60 -9.11 -27.83
CA ILE A 66 -12.68 -8.13 -27.79
C ILE A 66 -12.21 -6.80 -28.37
N SER A 67 -10.96 -6.41 -28.10
CA SER A 67 -10.43 -5.21 -28.72
C SER A 67 -10.38 -5.34 -30.23
N ASN A 68 -10.00 -6.52 -30.74
CA ASN A 68 -9.95 -6.71 -32.19
C ASN A 68 -11.33 -6.63 -32.81
N GLY A 69 -12.33 -7.21 -32.13
CA GLY A 69 -13.69 -7.14 -32.64
C GLY A 69 -14.24 -5.72 -32.57
N SER A 70 -13.84 -4.95 -31.56
CA SER A 70 -14.22 -3.54 -31.49
C SER A 70 -13.64 -2.77 -32.67
N ASP A 71 -12.38 -3.03 -33.00
CA ASP A 71 -11.74 -2.35 -34.13
C ASP A 71 -12.44 -2.70 -35.45
N ALA A 72 -12.85 -3.95 -35.61
CA ALA A 72 -13.57 -4.36 -36.82
C ALA A 72 -14.93 -3.67 -36.89
N LEU A 73 -15.61 -3.54 -35.75
CA LEU A 73 -16.87 -2.80 -35.74
C LEU A 73 -16.63 -1.32 -36.02
N GLU A 74 -15.54 -0.77 -35.52
CA GLU A 74 -15.25 0.64 -35.75
C GLU A 74 -14.95 0.89 -37.23
N LYS A 75 -14.19 0.01 -37.87
CA LYS A 75 -13.94 0.13 -39.30
C LYS A 75 -15.24 0.04 -40.10
N LEU A 76 -16.16 -0.83 -39.68
CA LEU A 76 -17.44 -0.91 -40.39
C LEU A 76 -18.22 0.38 -40.24
N ARG A 77 -18.25 0.94 -39.03
CA ARG A 77 -18.96 2.20 -38.82
C ARG A 77 -18.36 3.32 -39.67
N HIS A 78 -17.03 3.32 -39.82
CA HIS A 78 -16.39 4.36 -40.62
C HIS A 78 -16.73 4.22 -42.10
N ARG A 79 -16.71 2.99 -42.63
CA ARG A 79 -17.06 2.79 -44.04
C ARG A 79 -18.49 3.23 -44.34
N MET A 80 -19.40 3.07 -43.38
CA MET A 80 -20.79 3.42 -43.63
C MET A 80 -21.03 4.92 -43.65
N ILE A 81 -20.05 5.73 -43.23
CA ILE A 81 -20.18 7.18 -43.38
C ILE A 81 -20.31 7.53 -44.85
N THR A 82 -19.57 6.82 -45.71
CA THR A 82 -19.59 7.04 -47.15
C THR A 82 -20.40 5.99 -47.89
N ALA A 83 -20.21 4.71 -47.56
CA ALA A 83 -20.90 3.64 -48.28
C ALA A 83 -22.38 3.56 -47.91
N GLY A 84 -22.73 3.95 -46.69
CA GLY A 84 -24.11 3.90 -46.24
C GLY A 84 -24.70 2.50 -46.28
N GLY A 85 -24.41 1.71 -45.25
CA GLY A 85 -24.92 0.35 -45.20
C GLY A 85 -26.39 0.26 -44.85
N ASP A 86 -26.68 -0.16 -43.63
CA ASP A 86 -28.06 -0.34 -43.18
C ASP A 86 -28.15 -0.28 -41.67
N THR A 87 -27.08 0.17 -41.02
CA THR A 87 -26.95 0.17 -39.56
C THR A 87 -27.19 -1.25 -39.02
N ALA A 88 -26.27 -2.13 -39.40
CA ALA A 88 -26.31 -3.51 -38.96
C ALA A 88 -26.20 -3.58 -37.45
N PRO A 89 -26.55 -4.73 -36.84
CA PRO A 89 -26.49 -4.87 -35.38
C PRO A 89 -25.25 -4.28 -34.72
N MET A 90 -24.07 -4.61 -35.24
CA MET A 90 -22.80 -4.13 -34.66
C MET A 90 -22.64 -4.54 -33.20
N GLU A 91 -22.28 -5.81 -32.98
CA GLU A 91 -22.26 -6.39 -31.64
C GLU A 91 -21.06 -7.31 -31.49
N ILE A 92 -20.73 -7.63 -30.25
CA ILE A 92 -19.74 -8.64 -29.91
C ILE A 92 -20.43 -9.70 -29.07
N HIS A 93 -20.37 -10.95 -29.52
CA HIS A 93 -21.00 -12.06 -28.83
C HIS A 93 -19.94 -13.06 -28.38
N LEU A 94 -20.12 -13.55 -27.16
CA LEU A 94 -19.25 -14.54 -26.55
C LEU A 94 -20.08 -15.76 -26.17
N GLN A 95 -19.54 -16.94 -26.42
CA GLN A 95 -20.23 -18.17 -26.06
C GLN A 95 -19.23 -19.13 -25.40
N THR A 96 -19.65 -19.74 -24.31
CA THR A 96 -18.85 -20.73 -23.62
C THR A 96 -19.52 -22.09 -23.72
N ASP A 97 -18.71 -23.14 -23.81
CA ASP A 97 -19.22 -24.50 -23.88
C ASP A 97 -18.36 -25.34 -22.93
N SER A 98 -18.88 -25.60 -21.74
CA SER A 98 -18.10 -26.31 -20.72
C SER A 98 -18.00 -27.81 -20.99
N VAL A 99 -18.80 -28.35 -21.91
CA VAL A 99 -18.72 -29.77 -22.22
C VAL A 99 -17.61 -30.03 -23.24
N LYS A 100 -17.59 -29.25 -24.32
CA LYS A 100 -16.52 -29.36 -25.31
C LYS A 100 -15.28 -28.57 -24.93
N GLY A 101 -15.39 -27.65 -23.96
CA GLY A 101 -14.23 -26.87 -23.56
C GLY A 101 -13.84 -25.81 -24.56
N THR A 102 -14.81 -25.09 -25.11
CA THR A 102 -14.53 -24.10 -26.14
C THR A 102 -14.92 -22.71 -25.67
N PHE A 103 -14.23 -21.72 -26.23
CA PHE A 103 -14.54 -20.30 -26.07
C PHE A 103 -14.70 -19.74 -27.47
N THR A 104 -15.83 -19.06 -27.69
CA THR A 104 -16.16 -18.54 -29.01
C THR A 104 -16.47 -17.06 -28.90
N ILE A 105 -15.93 -16.27 -29.83
CA ILE A 105 -16.23 -14.85 -29.92
C ILE A 105 -16.60 -14.54 -31.36
N GLN A 106 -17.68 -13.78 -31.56
CA GLN A 106 -18.11 -13.38 -32.89
C GLN A 106 -18.43 -11.89 -32.89
N ASP A 107 -17.88 -11.16 -33.85
CA ASP A 107 -18.26 -9.78 -34.09
C ASP A 107 -18.94 -9.66 -35.46
N THR A 108 -19.78 -8.65 -35.60
CA THR A 108 -20.45 -8.35 -36.87
C THR A 108 -19.74 -7.23 -37.62
N GLY A 109 -18.42 -7.17 -37.51
CA GLY A 109 -17.64 -6.09 -38.10
C GLY A 109 -17.28 -6.31 -39.55
N VAL A 110 -16.18 -5.68 -39.94
CA VAL A 110 -15.86 -5.57 -41.36
C VAL A 110 -15.35 -6.88 -41.94
N GLY A 111 -14.99 -7.85 -41.10
CA GLY A 111 -14.57 -9.13 -41.61
C GLY A 111 -13.28 -9.07 -42.42
N MET A 112 -12.97 -10.20 -43.04
CA MET A 112 -11.69 -10.38 -43.72
C MET A 112 -11.90 -11.35 -44.86
N ASN A 113 -11.48 -10.95 -46.06
CA ASN A 113 -11.39 -11.87 -47.19
C ASN A 113 -10.17 -12.78 -47.02
N LYS A 114 -9.93 -13.65 -47.99
CA LYS A 114 -8.82 -14.60 -47.89
C LYS A 114 -7.48 -13.89 -47.86
N GLU A 115 -7.33 -12.84 -48.68
CA GLU A 115 -6.09 -12.08 -48.69
C GLU A 115 -5.79 -11.45 -47.33
N ASP A 116 -6.80 -10.83 -46.72
CA ASP A 116 -6.58 -10.18 -45.43
C ASP A 116 -6.39 -11.21 -44.31
N LEU A 117 -6.98 -12.40 -44.43
CA LEU A 117 -6.78 -13.43 -43.43
C LEU A 117 -5.34 -13.92 -43.44
N VAL A 118 -4.79 -14.18 -44.64
CA VAL A 118 -3.41 -14.65 -44.75
C VAL A 118 -2.44 -13.55 -44.32
N SER A 119 -2.75 -12.31 -44.67
CA SER A 119 -1.84 -11.20 -44.36
C SER A 119 -1.89 -10.84 -42.88
N ASN A 120 -3.08 -10.60 -42.34
CA ASN A 120 -3.19 -10.05 -41.00
C ASN A 120 -2.91 -11.12 -39.95
N LEU A 121 -3.50 -12.30 -40.10
CA LEU A 121 -3.34 -13.34 -39.08
C LEU A 121 -2.02 -14.08 -39.23
N GLY A 122 -1.60 -14.36 -40.46
CA GLY A 122 -0.40 -15.16 -40.70
C GLY A 122 0.93 -14.44 -40.55
N THR A 123 0.94 -13.12 -40.41
CA THR A 123 2.18 -12.35 -40.31
C THR A 123 2.25 -11.68 -38.95
N ILE A 124 3.29 -12.02 -38.19
CA ILE A 124 3.50 -11.44 -36.86
C ILE A 124 3.96 -10.00 -37.01
N ALA A 125 3.40 -9.12 -36.17
CA ALA A 125 3.63 -7.67 -36.15
C ALA A 125 3.00 -6.96 -37.35
N ARG A 126 2.17 -7.64 -38.14
CA ARG A 126 1.41 -7.01 -39.20
C ARG A 126 0.06 -6.54 -38.64
N SER A 127 -0.21 -5.25 -38.77
CA SER A 127 -1.40 -4.63 -38.18
C SER A 127 -2.17 -3.89 -39.27
N GLY A 128 -3.27 -4.49 -39.74
CA GLY A 128 -4.13 -3.81 -40.68
C GLY A 128 -4.84 -2.62 -40.08
N SER A 129 -5.08 -2.64 -38.76
CA SER A 129 -5.66 -1.48 -38.09
C SER A 129 -4.69 -0.31 -38.07
N LYS A 130 -3.40 -0.58 -37.91
CA LYS A 130 -2.43 0.51 -37.95
C LYS A 130 -2.41 1.21 -39.30
N ALA A 131 -2.45 0.44 -40.39
CA ALA A 131 -2.48 1.05 -41.71
C ALA A 131 -3.81 1.74 -41.97
N PHE A 132 -4.88 1.25 -41.34
CA PHE A 132 -6.16 1.94 -41.41
C PHE A 132 -6.10 3.29 -40.70
N LEU A 133 -5.50 3.32 -39.51
CA LEU A 133 -5.35 4.58 -38.77
C LEU A 133 -4.50 5.59 -39.55
N ASP A 134 -3.47 5.12 -40.23
CA ASP A 134 -2.56 6.04 -40.92
C ASP A 134 -3.25 6.74 -42.09
N ALA A 135 -4.15 6.04 -42.80
CA ALA A 135 -4.84 6.62 -43.95
C ALA A 135 -6.06 7.46 -43.56
N LEU A 136 -6.55 7.35 -42.32
CA LEU A 136 -7.66 8.17 -41.87
C LEU A 136 -7.25 9.63 -41.74
N GLN A 137 -8.22 10.51 -41.97
CA GLN A 137 -8.07 11.90 -41.54
C GLN A 137 -7.89 11.94 -40.03
N ASN A 138 -6.94 12.76 -39.56
CA ASN A 138 -6.54 12.71 -38.17
C ASN A 138 -7.64 13.15 -37.22
N GLN A 139 -8.69 13.80 -37.71
CA GLN A 139 -9.82 14.24 -36.88
C GLN A 139 -11.00 13.27 -36.90
N ALA A 140 -11.00 12.30 -37.81
CA ALA A 140 -12.10 11.35 -37.90
C ALA A 140 -12.30 10.61 -36.57
N GLU A 141 -13.55 10.23 -36.31
CA GLU A 141 -13.89 9.62 -35.03
C GLU A 141 -13.11 8.34 -34.79
N ALA A 142 -12.94 7.53 -35.85
CA ALA A 142 -12.27 6.25 -35.69
C ALA A 142 -10.78 6.37 -35.38
N SER A 143 -10.20 7.57 -35.52
CA SER A 143 -8.76 7.73 -35.25
C SER A 143 -8.44 7.59 -33.78
N SER A 144 -9.39 7.90 -32.90
CA SER A 144 -9.15 7.87 -31.47
C SER A 144 -9.74 6.64 -30.78
N SER A 145 -10.38 5.73 -31.54
CA SER A 145 -11.02 4.59 -30.91
C SER A 145 -10.50 3.23 -31.37
N ILE A 146 -9.65 3.17 -32.39
CA ILE A 146 -9.07 1.90 -32.80
C ILE A 146 -7.93 1.52 -31.85
N ILE A 147 -8.00 0.32 -31.30
CA ILE A 147 -7.09 -0.13 -30.24
C ILE A 147 -5.82 -0.76 -30.79
N GLY A 148 -5.89 -1.55 -31.87
CA GLY A 148 -4.72 -2.27 -32.34
C GLY A 148 -3.65 -1.36 -32.91
N GLN A 149 -2.41 -1.88 -32.94
CA GLN A 149 -1.27 -1.15 -33.50
C GLN A 149 -0.02 -2.04 -33.58
N PHE A 150 0.14 -2.97 -32.65
CA PHE A 150 1.37 -3.76 -32.57
C PHE A 150 1.40 -4.90 -33.59
N GLY A 151 0.29 -5.60 -33.80
CA GLY A 151 0.26 -6.72 -34.70
C GLY A 151 0.46 -8.10 -34.08
N VAL A 152 0.24 -8.25 -32.78
CA VAL A 152 0.57 -9.50 -32.10
C VAL A 152 -0.55 -9.96 -31.19
N GLY A 153 -1.55 -9.11 -30.98
CA GLY A 153 -2.52 -9.35 -29.93
C GLY A 153 -3.35 -10.61 -30.15
N PHE A 154 -3.64 -10.92 -31.41
CA PHE A 154 -4.44 -12.10 -31.73
C PHE A 154 -3.74 -13.39 -31.31
N TYR A 155 -2.42 -13.43 -31.35
CA TYR A 155 -1.71 -14.67 -31.07
C TYR A 155 -1.82 -15.09 -29.60
N SER A 156 -2.34 -14.22 -28.73
CA SER A 156 -2.51 -14.59 -27.33
C SER A 156 -3.49 -15.73 -27.16
N ALA A 157 -4.34 -15.97 -28.17
CA ALA A 157 -5.26 -17.11 -28.13
C ALA A 157 -4.51 -18.43 -27.98
N PHE A 158 -3.35 -18.57 -28.61
CA PHE A 158 -2.61 -19.81 -28.55
C PHE A 158 -2.00 -20.05 -27.18
N MET A 159 -2.02 -19.06 -26.30
CA MET A 159 -1.67 -19.31 -24.91
C MET A 159 -2.66 -20.26 -24.25
N VAL A 160 -3.95 -20.15 -24.58
CA VAL A 160 -4.98 -20.90 -23.89
C VAL A 160 -5.62 -21.98 -24.75
N ALA A 161 -5.30 -22.05 -26.04
CA ALA A 161 -6.00 -22.92 -26.97
C ALA A 161 -5.01 -23.81 -27.71
N ASP A 162 -5.34 -25.11 -27.79
CA ASP A 162 -4.58 -26.02 -28.64
C ASP A 162 -4.91 -25.83 -30.11
N LYS A 163 -6.09 -25.30 -30.41
CA LYS A 163 -6.56 -25.15 -31.78
C LYS A 163 -7.38 -23.89 -31.88
N VAL A 164 -7.09 -23.08 -32.91
CA VAL A 164 -7.82 -21.83 -33.14
C VAL A 164 -8.43 -21.90 -34.53
N GLU A 165 -9.72 -21.61 -34.63
CA GLU A 165 -10.43 -21.54 -35.91
C GLU A 165 -11.05 -20.16 -36.04
N VAL A 166 -10.95 -19.59 -37.25
CA VAL A 166 -11.45 -18.26 -37.54
C VAL A 166 -12.29 -18.33 -38.80
N TYR A 167 -13.60 -18.06 -38.67
CA TYR A 167 -14.49 -17.94 -39.82
C TYR A 167 -14.74 -16.46 -40.08
N SER A 168 -14.52 -16.02 -41.32
CA SER A 168 -14.65 -14.61 -41.63
C SER A 168 -15.37 -14.40 -42.95
N GLN A 169 -16.25 -13.42 -42.99
CA GLN A 169 -16.97 -13.04 -44.19
C GLN A 169 -16.83 -11.54 -44.37
N SER A 170 -16.20 -11.13 -45.47
CA SER A 170 -16.03 -9.71 -45.75
C SER A 170 -17.28 -9.13 -46.40
N ALA A 171 -17.30 -7.81 -46.55
CA ALA A 171 -18.42 -7.09 -47.16
C ALA A 171 -18.02 -6.64 -48.56
N GLU A 172 -17.92 -7.62 -49.47
CA GLU A 172 -17.57 -7.33 -50.85
C GLU A 172 -17.96 -8.53 -51.71
N ALA A 173 -18.07 -8.27 -53.02
CA ALA A 173 -18.41 -9.30 -54.00
C ALA A 173 -19.72 -10.00 -53.65
N PRO A 176 -17.45 -14.17 -50.38
CA PRO A 176 -17.03 -15.56 -50.16
C PRO A 176 -16.41 -15.76 -48.79
N GLY A 177 -16.97 -16.67 -48.00
CA GLY A 177 -16.46 -16.90 -46.66
C GLY A 177 -15.27 -17.84 -46.66
N TYR A 178 -14.44 -17.69 -45.62
CA TYR A 178 -13.24 -18.50 -45.50
C TYR A 178 -13.07 -18.96 -44.06
N LYS A 179 -12.36 -20.08 -43.91
CA LYS A 179 -12.04 -20.65 -42.60
C LYS A 179 -10.53 -20.67 -42.43
N TRP A 180 -10.06 -20.00 -41.39
CA TRP A 180 -8.65 -19.95 -41.02
C TRP A 180 -8.47 -20.81 -39.77
N SER A 181 -7.53 -21.73 -39.80
CA SER A 181 -7.34 -22.63 -38.66
C SER A 181 -5.87 -22.92 -38.44
N SER A 182 -5.48 -23.03 -37.17
CA SER A 182 -4.09 -23.31 -36.83
C SER A 182 -4.03 -23.89 -35.42
N ASP A 183 -2.91 -24.56 -35.14
CA ASP A 183 -2.61 -25.03 -33.80
C ASP A 183 -1.52 -24.20 -33.12
N GLY A 184 -0.96 -23.22 -33.81
CA GLY A 184 0.09 -22.40 -33.24
C GLY A 184 1.46 -23.04 -33.23
N SER A 185 1.79 -23.78 -34.28
CA SER A 185 3.06 -24.51 -34.35
C SER A 185 3.75 -24.29 -35.69
N GLY A 186 3.64 -23.07 -36.23
CA GLY A 186 4.39 -22.66 -37.41
C GLY A 186 3.58 -22.55 -38.68
N VAL A 187 2.46 -23.29 -38.78
CA VAL A 187 1.67 -23.36 -40.01
C VAL A 187 0.20 -23.13 -39.70
N PHE A 188 -0.55 -22.76 -40.74
CA PHE A 188 -1.99 -22.61 -40.64
C PHE A 188 -2.61 -22.99 -41.98
N GLU A 189 -3.94 -23.15 -41.97
CA GLU A 189 -4.69 -23.57 -43.14
C GLU A 189 -5.80 -22.57 -43.44
N VAL A 190 -6.15 -22.47 -44.72
CA VAL A 190 -7.20 -21.59 -45.19
C VAL A 190 -8.07 -22.35 -46.18
N ALA A 191 -9.39 -22.28 -46.00
CA ALA A 191 -10.31 -22.96 -46.90
C ALA A 191 -11.57 -22.13 -47.04
N GLU A 192 -12.29 -22.36 -48.13
CA GLU A 192 -13.55 -21.67 -48.33
C GLU A 192 -14.61 -22.26 -47.42
N ALA A 193 -15.48 -21.39 -46.90
CA ALA A 193 -16.54 -21.82 -46.00
C ALA A 193 -17.87 -21.17 -46.38
N SER A 194 -18.94 -21.96 -46.32
CA SER A 194 -20.30 -21.46 -46.51
C SER A 194 -20.94 -21.16 -45.16
N GLY A 195 -22.06 -20.43 -45.20
CA GLY A 195 -22.78 -20.11 -43.99
C GLY A 195 -22.02 -19.24 -43.01
N VAL A 196 -21.08 -18.44 -43.49
CA VAL A 196 -20.32 -17.54 -42.62
C VAL A 196 -20.99 -16.18 -42.62
N ARG A 197 -21.40 -15.72 -41.44
CA ARG A 197 -22.08 -14.44 -41.31
C ARG A 197 -21.09 -13.29 -41.47
N GLN A 198 -21.60 -12.17 -41.98
CA GLN A 198 -20.81 -10.94 -42.13
C GLN A 198 -20.07 -10.60 -40.86
N GLY A 199 -18.74 -10.64 -40.91
CA GLY A 199 -17.92 -10.44 -39.74
C GLY A 199 -16.97 -11.60 -39.48
N THR A 200 -16.61 -11.80 -38.22
CA THR A 200 -15.55 -12.73 -37.87
C THR A 200 -15.95 -13.52 -36.64
N LYS A 201 -15.79 -14.83 -36.71
CA LYS A 201 -16.10 -15.75 -35.63
C LYS A 201 -14.84 -16.55 -35.30
N ILE A 202 -14.44 -16.53 -34.04
CA ILE A 202 -13.21 -17.17 -33.61
C ILE A 202 -13.55 -18.21 -32.55
N VAL A 203 -13.14 -19.46 -32.78
CA VAL A 203 -13.43 -20.57 -31.89
C VAL A 203 -12.11 -21.09 -31.33
N LEU A 204 -11.96 -21.02 -30.02
CA LEU A 204 -10.76 -21.48 -29.33
C LEU A 204 -11.07 -22.81 -28.66
N HIS A 205 -10.28 -23.84 -28.97
CA HIS A 205 -10.40 -25.14 -28.33
C HIS A 205 -9.44 -25.16 -27.14
N LEU A 206 -9.99 -24.94 -25.95
CA LEU A 206 -9.17 -24.61 -24.79
C LEU A 206 -8.32 -25.80 -24.34
N LYS A 207 -7.10 -25.51 -23.91
CA LYS A 207 -6.25 -26.52 -23.30
C LYS A 207 -6.90 -27.02 -22.00
N ASP A 208 -6.41 -28.17 -21.54
CA ASP A 208 -6.94 -28.75 -20.29
C ASP A 208 -6.75 -27.78 -19.12
N ASP A 209 -5.58 -27.14 -19.01
CA ASP A 209 -5.35 -26.27 -17.87
C ASP A 209 -6.03 -24.91 -18.00
N CYS A 210 -6.63 -24.61 -19.16
CA CYS A 210 -7.34 -23.35 -19.36
C CYS A 210 -8.85 -23.56 -19.52
N LYS A 211 -9.38 -24.67 -19.00
CA LYS A 211 -10.81 -24.95 -19.11
C LYS A 211 -11.66 -23.89 -18.41
N GLU A 212 -11.10 -23.20 -17.41
CA GLU A 212 -11.83 -22.16 -16.69
C GLU A 212 -12.42 -21.11 -17.63
N PHE A 213 -11.80 -20.90 -18.80
CA PHE A 213 -12.35 -19.93 -19.73
C PHE A 213 -13.53 -20.48 -20.53
N SER A 214 -13.93 -21.74 -20.29
CA SER A 214 -15.21 -22.26 -20.76
C SER A 214 -16.32 -22.12 -19.73
N SER A 215 -16.03 -21.45 -18.60
CA SER A 215 -17.01 -21.18 -17.57
C SER A 215 -17.54 -19.76 -17.72
N GLU A 216 -18.88 -19.62 -17.64
CA GLU A 216 -19.52 -18.34 -17.90
C GLU A 216 -19.08 -17.27 -16.89
N ASP A 217 -19.01 -17.63 -15.60
CA ASP A 217 -18.69 -16.65 -14.58
C ASP A 217 -17.26 -16.14 -14.72
N ARG A 218 -16.33 -17.03 -15.07
CA ARG A 218 -14.94 -16.65 -15.26
C ARG A 218 -14.79 -15.67 -16.43
N VAL A 219 -15.42 -15.99 -17.56
CA VAL A 219 -15.38 -15.08 -18.71
C VAL A 219 -15.96 -13.73 -18.33
N LYS A 220 -17.06 -13.73 -17.57
CA LYS A 220 -17.68 -12.48 -17.15
C LYS A 220 -16.75 -11.66 -16.26
N GLU A 221 -15.89 -12.31 -15.48
CA GLU A 221 -14.95 -11.57 -14.65
C GLU A 221 -13.90 -10.85 -15.50
N VAL A 222 -13.43 -11.52 -16.56
CA VAL A 222 -12.39 -10.94 -17.41
C VAL A 222 -12.94 -9.77 -18.22
N VAL A 223 -14.14 -9.93 -18.78
CA VAL A 223 -14.76 -8.86 -19.56
C VAL A 223 -14.98 -7.63 -18.69
N THR A 224 -15.49 -7.84 -17.46
CA THR A 224 -15.72 -6.73 -16.55
C THR A 224 -14.43 -6.04 -16.16
N LYS A 225 -13.34 -6.82 -16.03
CA LYS A 225 -12.09 -6.23 -15.56
C LYS A 225 -11.49 -5.30 -16.61
N TYR A 226 -11.37 -5.78 -17.84
CA TYR A 226 -10.66 -5.04 -18.88
C TYR A 226 -11.57 -4.30 -19.86
N SER A 227 -12.68 -4.92 -20.29
CA SER A 227 -13.45 -4.45 -21.42
C SER A 227 -14.81 -3.90 -21.03
N ASN A 228 -14.94 -3.44 -19.79
CA ASN A 228 -16.24 -3.01 -19.27
C ASN A 228 -16.76 -1.76 -19.96
N PHE A 229 -15.90 -0.98 -20.61
CA PHE A 229 -16.30 0.29 -21.20
C PHE A 229 -16.14 0.29 -22.72
N VAL A 230 -15.97 -0.90 -23.33
CA VAL A 230 -15.99 -1.01 -24.78
C VAL A 230 -17.29 -0.40 -25.31
N SER A 231 -17.19 0.28 -26.45
CA SER A 231 -18.32 1.03 -26.99
C SER A 231 -19.47 0.10 -27.35
N PHE A 232 -19.18 -0.93 -28.11
CA PHE A 232 -20.22 -1.78 -28.70
C PHE A 232 -20.75 -2.77 -27.67
N PRO A 233 -22.03 -3.13 -27.76
CA PRO A 233 -22.60 -4.07 -26.81
C PRO A 233 -21.90 -5.42 -26.88
N ILE A 234 -21.77 -6.06 -25.71
CA ILE A 234 -21.11 -7.35 -25.57
C ILE A 234 -22.10 -8.33 -24.97
N PHE A 235 -22.28 -9.46 -25.64
CA PHE A 235 -23.20 -10.51 -25.20
C PHE A 235 -22.42 -11.76 -24.82
N LEU A 236 -22.79 -12.36 -23.69
CA LEU A 236 -22.21 -13.62 -23.23
C LEU A 236 -23.35 -14.63 -23.11
N ASN A 237 -23.36 -15.64 -23.99
CA ASN A 237 -24.40 -16.66 -24.02
C ASN A 237 -25.79 -16.03 -24.12
N GLY A 238 -25.89 -14.92 -24.85
CA GLY A 238 -27.16 -14.23 -25.04
C GLY A 238 -27.52 -13.21 -23.98
N ARG A 239 -26.58 -12.79 -23.14
CA ARG A 239 -26.85 -11.84 -22.07
C ARG A 239 -25.86 -10.68 -22.16
N ARG A 240 -26.36 -9.47 -21.96
CA ARG A 240 -25.53 -8.28 -22.06
C ARG A 240 -24.59 -8.16 -20.86
N LEU A 241 -23.40 -7.63 -21.12
CA LEU A 241 -22.40 -7.48 -20.06
C LEU A 241 -21.99 -6.03 -19.81
N ASN A 242 -21.44 -5.33 -20.82
CA ASN A 242 -20.92 -3.97 -20.63
C ASN A 242 -22.08 -2.98 -20.65
N THR A 243 -22.65 -2.73 -19.47
CA THR A 243 -23.75 -1.78 -19.34
C THR A 243 -23.30 -0.39 -18.91
N LEU A 244 -22.04 -0.23 -18.53
CA LEU A 244 -21.54 1.04 -18.00
C LEU A 244 -20.94 1.89 -19.10
N GLN A 245 -21.21 3.20 -19.02
CA GLN A 245 -20.70 4.16 -19.98
C GLN A 245 -19.40 4.77 -19.48
N ALA A 246 -18.47 5.04 -20.40
CA ALA A 246 -17.24 5.71 -20.03
C ALA A 246 -17.52 7.18 -19.74
N LEU A 247 -17.81 7.49 -18.48
CA LEU A 247 -18.21 8.83 -18.12
C LEU A 247 -17.14 9.87 -18.44
N TRP A 248 -15.86 9.47 -18.43
CA TRP A 248 -14.78 10.41 -18.66
C TRP A 248 -14.74 10.96 -20.08
N MET A 249 -15.45 10.34 -21.03
CA MET A 249 -15.45 10.75 -22.42
C MET A 249 -16.52 11.78 -22.75
N MET A 250 -17.35 12.15 -21.78
CA MET A 250 -18.49 13.01 -22.00
C MET A 250 -18.20 14.44 -21.58
N GLU A 251 -19.11 15.33 -21.96
CA GLU A 251 -18.99 16.73 -21.57
C GLU A 251 -19.27 16.87 -20.08
N PRO A 252 -18.43 17.59 -19.34
CA PRO A 252 -18.67 17.72 -17.89
C PRO A 252 -20.02 18.28 -17.52
N LYS A 253 -20.60 19.15 -18.35
CA LYS A 253 -21.92 19.69 -18.05
C LYS A 253 -23.02 18.65 -18.23
N ASP A 254 -22.90 17.81 -19.25
CA ASP A 254 -23.90 16.78 -19.51
C ASP A 254 -23.86 15.63 -18.53
N ILE A 255 -23.07 15.71 -17.45
CA ILE A 255 -23.00 14.69 -16.42
C ILE A 255 -23.65 15.25 -15.17
N SER A 256 -24.69 14.58 -14.68
CA SER A 256 -25.36 14.99 -13.48
C SER A 256 -24.62 14.45 -12.25
N GLU A 257 -24.98 14.98 -11.08
CA GLU A 257 -24.28 14.62 -9.86
C GLU A 257 -24.52 13.17 -9.47
N TRP A 258 -25.71 12.63 -9.75
CA TRP A 258 -25.97 11.24 -9.41
C TRP A 258 -25.17 10.29 -10.29
N GLN A 259 -24.82 10.69 -11.51
CA GLN A 259 -23.99 9.85 -12.35
C GLN A 259 -22.57 9.75 -11.81
N HIS A 260 -22.02 10.86 -11.28
CA HIS A 260 -20.69 10.82 -10.69
C HIS A 260 -20.66 9.92 -9.46
N GLU A 261 -21.68 10.02 -8.60
CA GLU A 261 -21.72 9.21 -7.40
C GLU A 261 -21.77 7.72 -7.74
N GLU A 262 -22.58 7.35 -8.72
CA GLU A 262 -22.68 5.95 -9.13
C GLU A 262 -21.40 5.49 -9.82
N PHE A 263 -20.81 6.35 -10.64
CA PHE A 263 -19.56 5.99 -11.30
C PHE A 263 -18.41 5.91 -10.30
N TYR A 264 -18.40 6.81 -9.31
CA TYR A 264 -17.37 6.76 -8.27
C TYR A 264 -17.39 5.44 -7.52
N ARG A 265 -18.58 4.97 -7.12
CA ARG A 265 -18.66 3.71 -6.39
C ARG A 265 -18.13 2.55 -7.21
N TYR A 266 -18.33 2.59 -8.54
CA TYR A 266 -17.82 1.52 -9.38
C TYR A 266 -16.30 1.59 -9.54
N VAL A 267 -15.78 2.78 -9.89
CA VAL A 267 -14.35 2.88 -10.16
C VAL A 267 -13.53 2.75 -8.88
N ALA A 268 -14.06 3.20 -7.75
CA ALA A 268 -13.35 3.14 -6.48
C ALA A 268 -13.73 1.92 -5.64
N GLN A 269 -14.67 1.10 -6.12
CA GLN A 269 -15.19 -0.04 -5.34
C GLN A 269 -15.61 0.40 -3.95
N ALA A 270 -16.24 1.56 -3.88
CA ALA A 270 -16.65 2.19 -2.63
C ALA A 270 -18.16 2.09 -2.47
N TYR A 271 -18.64 2.61 -1.34
CA TYR A 271 -20.06 2.59 -1.03
C TYR A 271 -20.57 3.92 -0.49
N ASP A 272 -19.73 4.93 -0.41
CA ASP A 272 -20.13 6.26 0.00
C ASP A 272 -20.35 7.15 -1.22
N LYS A 273 -20.06 8.44 -1.09
CA LYS A 273 -20.22 9.41 -2.15
C LYS A 273 -18.94 10.22 -2.27
N PRO A 274 -18.69 10.83 -3.44
CA PRO A 274 -17.52 11.71 -3.56
C PRO A 274 -17.82 13.07 -2.94
N ARG A 275 -16.90 13.55 -2.10
CA ARG A 275 -17.03 14.90 -1.55
C ARG A 275 -16.52 15.96 -2.51
N TYR A 276 -15.63 15.58 -3.44
CA TYR A 276 -15.09 16.47 -4.45
C TYR A 276 -15.02 15.71 -5.77
N THR A 277 -15.29 16.42 -6.88
CA THR A 277 -15.28 15.82 -8.21
C THR A 277 -14.55 16.77 -9.15
N LEU A 278 -13.51 16.27 -9.82
CA LEU A 278 -12.74 17.05 -10.77
C LEU A 278 -12.70 16.32 -12.10
N HIS A 279 -13.45 16.83 -13.08
CA HIS A 279 -13.53 16.25 -14.43
C HIS A 279 -12.60 17.07 -15.32
N TYR A 280 -11.43 16.51 -15.61
CA TYR A 280 -10.34 17.22 -16.27
C TYR A 280 -10.15 16.69 -17.69
N ARG A 281 -10.24 17.57 -18.69
CA ARG A 281 -10.00 17.24 -20.09
C ARG A 281 -8.93 18.16 -20.66
N ALA A 282 -7.95 17.59 -21.35
CA ALA A 282 -6.90 18.38 -21.96
C ALA A 282 -6.33 17.62 -23.15
N ASP A 283 -5.55 18.32 -23.98
CA ASP A 283 -4.96 17.74 -25.17
C ASP A 283 -3.43 17.81 -25.21
N ALA A 284 -2.80 18.56 -24.31
CA ALA A 284 -1.34 18.69 -24.28
C ALA A 284 -0.84 18.56 -22.85
N PRO A 285 0.27 17.84 -22.63
CA PRO A 285 1.13 17.21 -23.63
C PRO A 285 0.54 15.93 -24.24
N LEU A 286 -0.48 15.38 -23.60
CA LEU A 286 -1.18 14.22 -24.11
C LEU A 286 -2.68 14.47 -24.09
N ASN A 287 -3.39 13.76 -24.97
CA ASN A 287 -4.83 13.67 -24.85
C ASN A 287 -5.18 13.02 -23.52
N ILE A 288 -6.01 13.68 -22.72
CA ILE A 288 -6.39 13.15 -21.42
C ILE A 288 -7.86 13.44 -21.16
N ARG A 289 -8.61 12.40 -20.85
CA ARG A 289 -9.98 12.51 -20.35
C ARG A 289 -9.99 11.80 -19.01
N SER A 290 -10.15 12.57 -17.94
CA SER A 290 -9.93 12.06 -16.60
C SER A 290 -11.04 12.51 -15.67
N ILE A 291 -11.33 11.68 -14.67
CA ILE A 291 -12.25 12.03 -13.60
C ILE A 291 -11.61 11.64 -12.28
N PHE A 292 -11.48 12.62 -11.38
CA PHE A 292 -10.90 12.38 -10.07
C PHE A 292 -11.95 12.59 -8.99
N TYR A 293 -11.91 11.73 -7.97
CA TYR A 293 -12.83 11.80 -6.84
C TYR A 293 -12.01 11.84 -5.55
N VAL A 294 -12.49 12.62 -4.59
CA VAL A 294 -12.04 12.51 -3.21
C VAL A 294 -13.14 11.80 -2.44
N PRO A 295 -12.88 10.67 -1.79
CA PRO A 295 -13.93 9.99 -1.02
C PRO A 295 -14.41 10.86 0.14
N GLU A 296 -15.68 10.66 0.51
CA GLU A 296 -16.22 11.35 1.68
C GLU A 296 -15.87 10.63 2.97
N MET A 297 -15.53 9.34 2.90
CA MET A 297 -15.19 8.56 4.08
C MET A 297 -13.70 8.62 4.37
N LYS A 298 -13.36 8.63 5.66
CA LYS A 298 -11.96 8.73 6.06
C LYS A 298 -11.22 7.42 5.78
N PRO A 299 -9.91 7.50 5.54
CA PRO A 299 -9.11 6.27 5.42
C PRO A 299 -8.91 5.62 6.78
N SER A 300 -8.83 4.29 6.77
CA SER A 300 -8.73 3.50 7.98
C SER A 300 -7.51 2.59 7.92
N MET A 301 -7.19 1.97 9.06
CA MET A 301 -6.08 1.05 9.14
C MET A 301 -6.35 -0.26 8.39
N PHE A 302 -7.62 -0.59 8.16
CA PHE A 302 -8.00 -1.82 7.47
C PHE A 302 -8.17 -1.50 5.98
N ASP A 303 -7.25 -2.00 5.16
CA ASP A 303 -7.30 -1.79 3.72
C ASP A 303 -6.46 -2.83 2.99
N SER A 310 -8.36 -0.01 -4.05
CA SER A 310 -7.98 0.43 -5.39
C SER A 310 -7.59 1.91 -5.39
N SER A 311 -7.31 2.45 -6.57
CA SER A 311 -6.96 3.85 -6.71
C SER A 311 -7.29 4.27 -8.15
N VAL A 312 -6.66 5.36 -8.60
CA VAL A 312 -6.94 5.87 -9.95
C VAL A 312 -6.49 4.86 -10.98
N ALA A 313 -7.42 4.44 -11.84
CA ALA A 313 -7.15 3.52 -12.93
C ALA A 313 -6.73 4.27 -14.18
N LEU A 314 -5.89 3.61 -14.99
CA LEU A 314 -5.44 4.14 -16.27
C LEU A 314 -6.09 3.36 -17.40
N TYR A 315 -6.68 4.09 -18.34
CA TYR A 315 -7.30 3.54 -19.54
C TYR A 315 -6.68 4.16 -20.78
N SER A 316 -6.86 3.48 -21.90
CA SER A 316 -6.44 4.02 -23.20
C SER A 316 -7.44 3.52 -24.22
N ARG A 317 -8.16 4.45 -24.85
CA ARG A 317 -9.19 4.11 -25.83
C ARG A 317 -10.20 3.12 -25.23
N LYS A 318 -10.62 3.40 -24.00
CA LYS A 318 -11.66 2.71 -23.25
C LYS A 318 -11.24 1.32 -22.75
N ILE A 319 -9.98 0.94 -22.91
CA ILE A 319 -9.47 -0.35 -22.43
C ILE A 319 -8.56 -0.10 -21.24
N LEU A 320 -8.80 -0.85 -20.16
CA LEU A 320 -7.98 -0.75 -18.96
C LEU A 320 -6.53 -1.10 -19.25
N ILE A 321 -5.62 -0.23 -18.83
CA ILE A 321 -4.18 -0.53 -18.87
C ILE A 321 -3.68 -1.00 -17.50
N GLN A 322 -4.00 -0.26 -16.44
CA GLN A 322 -3.61 -0.58 -15.06
C GLN A 322 -4.74 -0.22 -14.11
N THR A 323 -5.17 -1.17 -13.29
CA THR A 323 -6.16 -0.86 -12.26
C THR A 323 -5.60 0.11 -11.22
N LYS A 324 -4.27 0.16 -11.07
CA LYS A 324 -3.59 1.09 -10.16
C LYS A 324 -2.52 1.80 -10.98
N ALA A 325 -2.82 3.03 -11.41
CA ALA A 325 -1.86 3.78 -12.22
C ALA A 325 -0.70 4.24 -11.36
N THR A 326 0.50 4.22 -11.94
CA THR A 326 1.71 4.44 -11.16
C THR A 326 2.50 5.67 -11.58
N ASP A 327 2.54 6.00 -12.87
CA ASP A 327 3.44 7.02 -13.38
C ASP A 327 2.76 8.36 -13.64
N ILE A 328 1.45 8.46 -13.46
CA ILE A 328 0.73 9.67 -13.85
C ILE A 328 0.48 10.63 -12.69
N LEU A 329 0.45 10.14 -11.44
CA LEU A 329 0.23 11.00 -10.29
C LEU A 329 1.36 10.84 -9.29
N PRO A 330 1.69 11.91 -8.55
CA PRO A 330 2.65 11.77 -7.45
C PRO A 330 2.08 10.91 -6.34
N LYS A 331 2.98 10.42 -5.48
CA LYS A 331 2.58 9.46 -4.44
C LYS A 331 1.59 10.08 -3.45
N TRP A 332 1.79 11.35 -3.09
CA TRP A 332 0.94 11.97 -2.08
C TRP A 332 -0.49 12.19 -2.57
N LEU A 333 -0.76 12.05 -3.87
CA LEU A 333 -2.10 12.16 -4.41
C LEU A 333 -2.77 10.79 -4.57
N ARG A 334 -2.23 9.75 -3.93
CA ARG A 334 -2.82 8.41 -4.03
C ARG A 334 -4.16 8.30 -3.33
N PHE A 335 -4.57 9.31 -2.58
CA PHE A 335 -5.90 9.31 -1.97
C PHE A 335 -7.00 9.62 -2.99
N LEU A 336 -6.64 10.04 -4.20
CA LEU A 336 -7.64 10.29 -5.23
C LEU A 336 -8.09 8.99 -5.87
N ARG A 337 -9.38 8.93 -6.22
CA ARG A 337 -9.94 7.81 -6.95
C ARG A 337 -10.44 8.29 -8.32
N GLY A 338 -10.64 7.35 -9.23
CA GLY A 338 -11.17 7.70 -10.53
C GLY A 338 -10.46 7.09 -11.71
N VAL A 339 -10.47 7.77 -12.86
CA VAL A 339 -9.96 7.24 -14.12
C VAL A 339 -9.15 8.32 -14.83
N VAL A 340 -8.08 7.90 -15.50
CA VAL A 340 -7.37 8.71 -16.48
C VAL A 340 -7.29 7.90 -17.77
N ASP A 341 -7.75 8.50 -18.87
CA ASP A 341 -7.75 7.86 -20.19
C ASP A 341 -6.98 8.73 -21.16
N SER A 342 -6.07 8.10 -21.90
CA SER A 342 -5.27 8.78 -22.90
C SER A 342 -5.18 7.92 -24.14
N GLU A 343 -5.54 8.49 -25.29
CA GLU A 343 -5.54 7.75 -26.54
C GLU A 343 -4.17 7.67 -27.20
N ASP A 344 -3.20 8.50 -26.75
CA ASP A 344 -1.91 8.56 -27.42
C ASP A 344 -0.74 8.37 -26.45
N ILE A 345 -1.00 7.93 -25.24
CA ILE A 345 0.10 7.69 -24.30
C ILE A 345 0.88 6.46 -24.75
N PRO A 346 2.22 6.49 -24.72
CA PRO A 346 2.99 5.37 -25.27
C PRO A 346 2.86 4.11 -24.43
N LEU A 347 2.18 3.10 -24.97
CA LEU A 347 1.92 1.87 -24.25
C LEU A 347 3.07 0.89 -24.42
N ASN A 348 3.31 0.13 -23.37
CA ASN A 348 4.21 -1.02 -23.45
C ASN A 348 3.54 -2.13 -24.26
N LEU A 349 4.36 -3.00 -24.85
CA LEU A 349 3.83 -4.12 -25.63
C LEU A 349 2.86 -4.98 -24.82
N SER A 350 3.06 -5.07 -23.51
CA SER A 350 2.18 -5.87 -22.67
C SER A 350 0.82 -5.24 -22.45
N ARG A 351 0.63 -3.97 -22.80
CA ARG A 351 -0.63 -3.24 -22.61
C ARG A 351 -1.06 -3.23 -21.14
N GLU A 352 -0.13 -3.42 -20.21
CA GLU A 352 -0.38 -3.22 -18.79
C GLU A 352 0.68 -2.31 -18.17
N LEU A 353 1.54 -1.69 -18.98
CA LEU A 353 2.57 -0.77 -18.52
C LEU A 353 2.67 0.40 -19.49
N LEU A 354 3.29 1.48 -19.03
CA LEU A 354 3.59 2.63 -19.85
C LEU A 354 5.07 2.67 -20.18
N GLN A 355 5.39 3.14 -21.38
CA GLN A 355 6.78 3.37 -21.73
C GLN A 355 7.30 4.61 -21.00
N GLU A 356 8.63 4.65 -20.82
CA GLU A 356 9.25 5.84 -20.27
C GLU A 356 9.16 6.96 -21.30
N SER A 357 8.60 8.10 -20.90
CA SER A 357 8.32 9.18 -21.84
C SER A 357 8.39 10.52 -21.12
N ALA A 358 8.99 11.51 -21.78
CA ALA A 358 8.93 12.85 -21.24
C ALA A 358 7.51 13.42 -21.26
N LEU A 359 6.64 12.89 -22.14
CA LEU A 359 5.25 13.34 -22.12
C LEU A 359 4.52 12.85 -20.87
N ILE A 360 4.84 11.64 -20.40
CA ILE A 360 4.21 11.14 -19.18
C ILE A 360 4.74 11.88 -17.95
N ARG A 361 6.03 12.25 -17.96
CA ARG A 361 6.57 13.01 -16.84
C ARG A 361 5.99 14.42 -16.78
N LYS A 362 5.76 15.04 -17.93
CA LYS A 362 5.09 16.33 -17.94
C LYS A 362 3.63 16.21 -17.50
N LEU A 363 2.95 15.11 -17.85
CA LEU A 363 1.57 14.92 -17.42
C LEU A 363 1.46 14.90 -15.90
N ARG A 364 2.40 14.23 -15.22
CA ARG A 364 2.36 14.17 -13.77
C ARG A 364 2.49 15.57 -13.17
N ASP A 365 3.34 16.41 -13.75
CA ASP A 365 3.48 17.78 -13.27
C ASP A 365 2.24 18.62 -13.55
N VAL A 366 1.65 18.48 -14.74
CA VAL A 366 0.41 19.18 -15.06
C VAL A 366 -0.70 18.75 -14.11
N LEU A 367 -0.85 17.44 -13.88
CA LEU A 367 -1.92 16.97 -13.01
C LEU A 367 -1.71 17.42 -11.56
N GLN A 368 -0.46 17.48 -11.12
CA GLN A 368 -0.18 17.91 -9.76
C GLN A 368 -0.61 19.36 -9.55
N GLN A 369 -0.23 20.26 -10.48
CA GLN A 369 -0.69 21.64 -10.42
C GLN A 369 -2.21 21.74 -10.56
N ARG A 370 -2.82 20.89 -11.39
CA ARG A 370 -4.27 20.97 -11.59
C ARG A 370 -5.03 20.61 -10.32
N VAL A 371 -4.63 19.51 -9.66
CA VAL A 371 -5.32 19.10 -8.44
C VAL A 371 -5.09 20.10 -7.31
N ILE A 372 -3.87 20.63 -7.22
CA ILE A 372 -3.57 21.66 -6.21
C ILE A 372 -4.45 22.88 -6.42
N ARG A 373 -4.56 23.34 -7.67
CA ARG A 373 -5.43 24.48 -7.96
C ARG A 373 -6.88 24.17 -7.61
N PHE A 374 -7.34 22.97 -7.96
CA PHE A 374 -8.72 22.58 -7.69
C PHE A 374 -9.02 22.61 -6.20
N LEU A 375 -8.16 21.98 -5.40
CA LEU A 375 -8.37 21.98 -3.95
C LEU A 375 -8.30 23.39 -3.37
N LEU A 376 -7.41 24.23 -3.91
CA LEU A 376 -7.34 25.62 -3.44
C LEU A 376 -8.65 26.36 -3.73
N ASP A 377 -9.25 26.12 -4.90
CA ASP A 377 -10.53 26.74 -5.20
C ASP A 377 -11.63 26.25 -4.27
N GLN A 378 -11.54 24.99 -3.82
CA GLN A 378 -12.54 24.48 -2.89
C GLN A 378 -12.45 25.16 -1.52
N SER A 379 -11.23 25.49 -1.07
CA SER A 379 -11.11 26.18 0.20
C SER A 379 -11.72 27.57 0.15
N LYS A 380 -11.69 28.22 -1.01
CA LYS A 380 -12.37 29.50 -1.19
C LYS A 380 -13.87 29.30 -1.37
N LYS A 381 -14.27 28.25 -2.08
CA LYS A 381 -15.69 28.01 -2.34
C LYS A 381 -16.43 27.65 -1.06
N ASP A 382 -15.89 26.69 -0.30
CA ASP A 382 -16.50 26.27 0.95
C ASP A 382 -15.39 26.02 1.96
N PRO A 383 -15.07 27.03 2.79
CA PRO A 383 -13.98 26.85 3.77
C PRO A 383 -14.31 25.83 4.84
N GLU A 384 -15.57 25.74 5.27
CA GLU A 384 -15.92 24.76 6.30
C GLU A 384 -15.80 23.34 5.77
N LYS A 385 -16.25 23.11 4.53
CA LYS A 385 -16.10 21.79 3.94
C LYS A 385 -14.63 21.44 3.71
N TYR A 386 -13.83 22.43 3.26
CA TYR A 386 -12.41 22.19 3.09
C TYR A 386 -11.71 21.92 4.42
N ALA A 387 -12.21 22.51 5.50
CA ALA A 387 -11.63 22.25 6.82
C ALA A 387 -11.78 20.78 7.20
N ARG A 388 -12.95 20.20 6.89
CA ARG A 388 -13.13 18.77 7.12
C ARG A 388 -12.26 17.94 6.19
N PHE A 389 -12.04 18.40 4.96
CA PHE A 389 -11.16 17.68 4.04
C PHE A 389 -9.72 17.66 4.54
N PHE A 390 -9.20 18.82 4.93
CA PHE A 390 -7.83 18.90 5.43
C PHE A 390 -7.66 18.14 6.74
N GLU A 391 -8.74 17.93 7.50
CA GLU A 391 -8.64 17.13 8.72
C GLU A 391 -8.44 15.66 8.41
N ASP A 392 -9.11 15.16 7.37
CA ASP A 392 -9.01 13.74 7.01
C ASP A 392 -7.81 13.43 6.15
N TYR A 393 -7.47 14.31 5.19
CA TYR A 393 -6.45 14.01 4.19
C TYR A 393 -5.25 14.93 4.30
N GLY A 394 -5.11 15.68 5.39
CA GLY A 394 -3.97 16.56 5.54
C GLY A 394 -2.64 15.82 5.59
N LEU A 395 -2.65 14.58 6.10
CA LEU A 395 -1.42 13.80 6.18
C LEU A 395 -0.83 13.52 4.80
N PHE A 396 -1.65 13.58 3.74
CA PHE A 396 -1.11 13.42 2.40
C PHE A 396 -0.45 14.71 1.91
N MET A 397 -0.99 15.87 2.27
CA MET A 397 -0.31 17.11 1.98
C MET A 397 1.02 17.18 2.73
N ARG A 398 1.00 16.83 4.01
CA ARG A 398 2.22 16.86 4.81
C ARG A 398 3.25 15.89 4.27
N GLU A 399 2.80 14.70 3.86
CA GLU A 399 3.71 13.72 3.28
C GLU A 399 4.30 14.22 1.97
N GLY A 400 3.53 14.98 1.19
CA GLY A 400 4.03 15.46 -0.09
C GLY A 400 5.14 16.48 0.06
N ILE A 401 5.01 17.38 1.03
CA ILE A 401 6.04 18.39 1.28
C ILE A 401 7.35 17.73 1.72
N VAL A 402 7.26 16.65 2.50
CA VAL A 402 8.46 15.97 2.97
C VAL A 402 9.08 15.12 1.86
N THR A 403 8.26 14.58 0.95
CA THR A 403 8.75 13.64 -0.05
C THR A 403 9.39 14.35 -1.23
N THR A 404 8.71 15.32 -1.80
CA THR A 404 9.18 15.96 -3.03
C THR A 404 10.49 16.71 -2.78
N GLY A 405 11.25 16.90 -3.86
CA GLY A 405 12.56 17.50 -3.75
C GLY A 405 12.62 18.93 -4.25
N GLU A 406 11.65 19.32 -5.09
CA GLU A 406 11.62 20.68 -5.60
C GLU A 406 11.01 21.61 -4.58
N GLN A 407 11.69 22.75 -4.33
CA GLN A 407 11.17 23.73 -3.40
C GLN A 407 9.93 24.43 -3.94
N SER A 408 9.80 24.49 -5.27
CA SER A 408 8.64 25.14 -5.88
C SER A 408 7.36 24.35 -5.63
N VAL A 409 7.41 23.02 -5.80
CA VAL A 409 6.23 22.21 -5.50
C VAL A 409 6.01 22.05 -4.00
N LYS A 410 7.05 22.22 -3.18
CA LYS A 410 6.84 22.23 -1.74
C LYS A 410 5.94 23.39 -1.31
N GLU A 411 6.17 24.58 -1.86
CA GLU A 411 5.34 25.73 -1.54
C GLU A 411 4.00 25.69 -2.24
N ASP A 412 3.86 24.90 -3.32
CA ASP A 412 2.55 24.72 -3.94
C ASP A 412 1.66 23.87 -3.05
N ILE A 413 2.17 22.74 -2.56
CA ILE A 413 1.40 21.90 -1.64
C ILE A 413 1.18 22.63 -0.33
N ALA A 414 2.08 23.54 0.05
CA ALA A 414 1.96 24.27 1.30
C ALA A 414 0.79 25.24 1.28
N LYS A 415 0.32 25.64 0.10
CA LYS A 415 -0.87 26.47 0.00
C LYS A 415 -2.10 25.78 0.57
N LEU A 416 -2.10 24.45 0.63
CA LEU A 416 -3.20 23.70 1.18
C LEU A 416 -3.13 23.55 2.70
N LEU A 417 -2.00 23.85 3.32
CA LEU A 417 -1.85 23.63 4.75
C LEU A 417 -2.74 24.58 5.55
N ARG A 418 -3.21 24.10 6.70
CA ARG A 418 -4.02 24.89 7.60
C ARG A 418 -3.52 24.71 9.03
N PHE A 419 -3.42 25.82 9.75
CA PHE A 419 -2.98 25.82 11.14
C PHE A 419 -3.86 26.77 11.94
N GLU A 420 -3.77 26.65 13.26
CA GLU A 420 -4.39 27.63 14.15
C GLU A 420 -3.41 28.75 14.44
N SER A 421 -3.90 29.79 15.12
CA SER A 421 -3.10 30.98 15.34
C SER A 421 -3.37 31.55 16.73
N SER A 422 -2.42 32.34 17.22
CA SER A 422 -2.59 33.04 18.48
C SER A 422 -3.51 34.25 18.35
N ALA A 423 -3.64 34.82 17.15
CA ALA A 423 -4.52 35.96 16.95
C ALA A 423 -5.96 35.53 16.72
N LEU A 424 -6.18 34.32 16.21
CA LEU A 424 -7.53 33.83 15.99
C LEU A 424 -7.95 32.91 17.13
N PRO A 425 -9.24 32.84 17.43
CA PRO A 425 -9.69 31.95 18.52
C PRO A 425 -9.55 30.48 18.18
N ALA A 426 -9.86 29.61 19.13
CA ALA A 426 -9.72 28.18 18.92
C ALA A 426 -10.72 27.69 17.88
N GLY A 427 -10.30 26.67 17.12
CA GLY A 427 -11.14 26.07 16.11
C GLY A 427 -11.10 26.73 14.76
N GLN A 428 -10.46 27.89 14.63
CA GLN A 428 -10.38 28.62 13.38
C GLN A 428 -9.01 28.40 12.74
N GLN A 429 -9.01 28.26 11.42
CA GLN A 429 -7.81 27.88 10.68
C GLN A 429 -7.33 29.05 9.82
N THR A 430 -6.03 29.04 9.51
CA THR A 430 -5.42 30.00 8.61
C THR A 430 -4.34 29.31 7.81
N SER A 431 -4.12 29.80 6.60
CA SER A 431 -3.07 29.27 5.73
C SER A 431 -1.83 30.15 5.79
N LEU A 432 -0.75 29.68 5.15
CA LEU A 432 0.48 30.44 5.13
C LEU A 432 0.34 31.73 4.32
N MET A 433 -0.37 31.67 3.19
CA MET A 433 -0.66 32.89 2.46
C MET A 433 -1.67 33.77 3.18
N GLU A 434 -2.61 33.15 3.89
CA GLU A 434 -3.58 33.88 4.70
C GLU A 434 -2.95 34.30 6.02
N TYR A 435 -1.73 34.83 5.95
CA TYR A 435 -0.95 35.16 7.13
C TYR A 435 0.21 36.06 6.74
N SER A 436 0.88 35.73 5.63
CA SER A 436 1.93 36.59 5.12
C SER A 436 1.41 37.98 4.77
N SER A 437 0.09 38.12 4.60
CA SER A 437 -0.51 39.41 4.33
C SER A 437 -0.68 40.23 5.59
N ARG A 438 -1.13 39.59 6.68
CA ARG A 438 -1.43 40.29 7.92
C ARG A 438 -0.18 40.65 8.72
N MET A 439 1.02 40.31 8.24
CA MET A 439 2.24 40.72 8.92
C MET A 439 2.42 42.23 8.83
N LYS A 440 3.33 42.75 9.65
CA LYS A 440 3.71 44.15 9.57
C LYS A 440 4.49 44.42 8.29
N ALA A 441 4.68 45.71 7.99
CA ALA A 441 5.43 46.09 6.80
C ALA A 441 6.85 45.54 6.85
N GLY A 442 7.63 45.98 7.82
CA GLY A 442 8.99 45.48 7.98
C GLY A 442 9.04 44.16 8.71
N THR A 443 8.51 43.11 8.09
CA THR A 443 8.48 41.78 8.69
C THR A 443 8.87 40.77 7.62
N ARG A 444 10.10 40.26 7.71
CA ARG A 444 10.60 39.24 6.81
C ARG A 444 10.46 37.83 7.35
N ASN A 445 10.05 37.67 8.60
CA ASN A 445 10.02 36.38 9.27
C ASN A 445 8.59 35.93 9.55
N ILE A 446 8.45 34.63 9.77
CA ILE A 446 7.18 34.05 10.22
C ILE A 446 7.52 32.89 11.15
N TYR A 447 6.72 32.72 12.20
CA TYR A 447 7.06 31.83 13.29
C TYR A 447 5.92 30.87 13.59
N TYR A 448 6.29 29.67 14.05
CA TYR A 448 5.34 28.63 14.38
C TYR A 448 5.76 27.98 15.69
N LEU A 449 4.78 27.33 16.33
CA LEU A 449 5.01 26.58 17.57
C LEU A 449 4.21 25.29 17.49
N CYS A 450 4.91 24.16 17.36
CA CYS A 450 4.28 22.85 17.27
C CYS A 450 4.04 22.32 18.67
N ALA A 451 2.79 22.35 19.11
CA ALA A 451 2.38 21.94 20.45
C ALA A 451 1.29 20.89 20.35
N PRO A 452 1.11 20.08 21.40
CA PRO A 452 0.01 19.10 21.36
C PRO A 452 -1.36 19.73 21.25
N ASN A 453 -1.63 20.77 22.05
CA ASN A 453 -2.94 21.40 22.06
C ASN A 453 -2.76 22.89 22.31
N ARG A 454 -3.88 23.60 22.44
CA ARG A 454 -3.84 25.06 22.61
C ARG A 454 -3.48 25.48 24.03
N HIS A 455 -3.88 24.70 25.04
CA HIS A 455 -3.58 25.06 26.43
C HIS A 455 -2.08 25.11 26.66
N LEU A 456 -1.33 24.18 26.08
CA LEU A 456 0.12 24.18 26.24
C LEU A 456 0.76 25.30 25.44
N ALA A 457 0.28 25.53 24.22
CA ALA A 457 0.89 26.54 23.36
C ALA A 457 0.77 27.94 23.96
N GLU A 458 -0.43 28.28 24.45
CA GLU A 458 -0.64 29.61 25.01
C GLU A 458 0.16 29.84 26.28
N HIS A 459 0.56 28.77 26.98
CA HIS A 459 1.35 28.88 28.19
C HIS A 459 2.80 28.46 27.99
N SER A 460 3.25 28.33 26.74
CA SER A 460 4.64 27.98 26.49
C SER A 460 5.53 29.17 26.81
N PRO A 461 6.65 28.96 27.51
CA PRO A 461 7.55 30.09 27.82
C PRO A 461 8.16 30.72 26.58
N TYR A 462 8.28 29.97 25.48
CA TYR A 462 8.78 30.56 24.24
C TYR A 462 7.72 31.40 23.56
N PHE A 463 6.43 31.07 23.75
CA PHE A 463 5.38 31.90 23.16
C PHE A 463 5.29 33.25 23.84
N GLU A 464 5.64 33.34 25.13
CA GLU A 464 5.64 34.63 25.81
C GLU A 464 6.70 35.55 25.22
N ALA A 465 7.89 35.00 24.91
CA ALA A 465 8.95 35.81 24.32
C ALA A 465 8.57 36.29 22.93
N MET A 466 7.95 35.43 22.11
CA MET A 466 7.49 35.84 20.80
C MET A 466 6.28 36.76 20.86
N LYS A 467 5.69 36.96 22.04
CA LYS A 467 4.55 37.85 22.21
C LYS A 467 4.94 39.21 22.77
N GLN A 468 6.02 39.29 23.56
CA GLN A 468 6.48 40.58 24.06
C GLN A 468 6.90 41.50 22.93
N LYS A 469 7.45 40.96 21.86
CA LYS A 469 7.85 41.73 20.69
C LYS A 469 6.75 41.67 19.62
N ASP A 470 5.57 42.12 20.00
CA ASP A 470 4.33 42.00 19.22
C ASP A 470 4.28 40.65 18.51
N MET A 471 4.04 40.65 17.20
CA MET A 471 4.20 39.46 16.36
C MET A 471 3.19 38.37 16.69
N GLU A 472 3.11 37.35 15.84
CA GLU A 472 2.10 36.31 15.95
C GLU A 472 2.70 34.96 15.60
N VAL A 473 2.31 33.92 16.33
CA VAL A 473 2.87 32.58 16.16
C VAL A 473 1.78 31.66 15.63
N LEU A 474 2.15 30.80 14.68
CA LEU A 474 1.28 29.73 14.22
C LEU A 474 1.27 28.59 15.22
N PHE A 475 0.07 28.11 15.55
CA PHE A 475 -0.11 26.97 16.45
C PHE A 475 -0.37 25.73 15.60
N CYS A 476 0.54 24.77 15.66
CA CYS A 476 0.49 23.56 14.83
C CYS A 476 0.30 22.36 15.75
N PHE A 477 -0.88 21.76 15.70
CA PHE A 477 -1.24 20.66 16.61
C PHE A 477 -1.18 19.29 15.97
N GLU A 478 -1.24 19.20 14.64
CA GLU A 478 -1.35 17.92 13.97
C GLU A 478 -0.06 17.13 14.06
N GLN A 479 -0.17 15.82 13.83
CA GLN A 479 1.00 14.96 13.80
C GLN A 479 1.84 15.25 12.57
N PHE A 480 3.15 15.18 12.74
CA PHE A 480 4.15 15.48 11.70
C PHE A 480 4.08 16.93 11.23
N ASP A 481 3.35 17.79 11.95
CA ASP A 481 3.35 19.21 11.61
C ASP A 481 4.73 19.82 11.80
N GLU A 482 5.49 19.33 12.78
CA GLU A 482 6.86 19.80 12.98
C GLU A 482 7.76 19.34 11.84
N LEU A 483 7.66 18.06 11.46
CA LEU A 483 8.44 17.54 10.35
C LEU A 483 8.09 18.22 9.04
N THR A 484 6.82 18.62 8.88
CA THR A 484 6.41 19.25 7.62
C THR A 484 7.06 20.62 7.46
N LEU A 485 6.98 21.46 8.49
CA LEU A 485 7.51 22.82 8.38
C LEU A 485 9.04 22.84 8.36
N LEU A 486 9.69 21.81 8.91
CA LEU A 486 11.15 21.74 8.84
C LEU A 486 11.61 21.41 7.42
N HIS A 487 10.95 20.47 6.75
CA HIS A 487 11.27 20.20 5.35
C HIS A 487 10.81 21.33 4.44
N LEU A 488 9.74 22.04 4.81
CA LEU A 488 9.28 23.17 4.02
C LEU A 488 10.33 24.27 3.95
N ARG A 489 11.07 24.48 5.05
CA ARG A 489 12.09 25.51 5.14
C ARG A 489 11.52 26.91 4.91
N GLU A 490 11.20 27.24 3.65
CA GLU A 490 10.76 28.58 3.32
C GLU A 490 9.51 28.52 2.46
N PHE A 491 8.57 29.44 2.74
CA PHE A 491 7.36 29.61 1.97
C PHE A 491 7.20 31.09 1.64
N ASP A 492 6.76 31.38 0.42
CA ASP A 492 6.59 32.75 -0.06
C ASP A 492 7.89 33.54 0.08
N ARG A 493 8.99 32.90 -0.29
CA ARG A 493 10.34 33.48 -0.23
C ARG A 493 10.74 33.89 1.18
N LYS A 494 10.11 33.31 2.19
CA LYS A 494 10.40 33.63 3.59
C LYS A 494 10.52 32.33 4.37
N LYS A 495 11.59 32.21 5.14
CA LYS A 495 11.88 30.97 5.86
C LYS A 495 10.93 30.78 7.04
N LEU A 496 10.79 29.51 7.44
CA LEU A 496 9.99 29.13 8.60
C LEU A 496 10.94 28.86 9.76
N ILE A 497 10.83 29.68 10.80
CA ILE A 497 11.68 29.57 11.98
C ILE A 497 10.80 29.18 13.17
N SER A 498 11.20 28.12 13.87
CA SER A 498 10.48 27.70 15.07
C SER A 498 10.67 28.71 16.20
N ALA A 499 9.63 28.87 17.01
CA ALA A 499 9.70 29.79 18.14
C ALA A 499 10.59 29.27 19.28
N GLU A 500 10.98 27.99 19.24
CA GLU A 500 11.84 27.42 20.26
C GLU A 500 13.26 27.24 19.74
N ARG A 522 -4.79 35.00 48.03
CA ARG A 522 -5.55 35.17 49.27
C ARG A 522 -4.88 34.45 50.44
N LEU A 523 -4.04 33.46 50.11
CA LEU A 523 -3.35 32.63 51.12
C LEU A 523 -2.15 33.41 51.62
N SER A 524 -2.46 34.51 52.30
CA SER A 524 -1.49 35.28 53.08
C SER A 524 -0.43 35.84 52.12
N SER A 525 0.76 36.10 52.63
CA SER A 525 1.90 36.54 51.82
C SER A 525 3.00 35.48 51.67
N GLU A 526 3.13 34.59 52.65
CA GLU A 526 4.17 33.57 52.58
C GLU A 526 3.79 32.35 53.41
N GLN A 527 2.50 31.99 53.42
CA GLN A 527 2.11 30.66 53.88
C GLN A 527 2.22 29.62 52.78
N ALA A 528 2.65 30.04 51.57
CA ALA A 528 2.73 29.12 50.44
C ALA A 528 3.94 28.21 50.53
N GLU A 529 5.08 28.75 50.95
CA GLU A 529 6.30 27.95 51.00
C GLU A 529 6.17 26.77 51.96
N ASP A 530 5.41 26.94 53.04
CA ASP A 530 5.11 25.80 53.90
C ASP A 530 4.29 24.76 53.15
N LEU A 531 3.41 25.19 52.25
CA LEU A 531 2.68 24.27 51.38
C LEU A 531 3.50 23.89 50.16
N LEU A 532 4.26 24.86 49.61
CA LEU A 532 5.11 24.58 48.45
C LEU A 532 6.14 23.50 48.77
N ALA A 533 6.96 23.71 49.80
CA ALA A 533 7.98 22.72 50.16
C ALA A 533 7.35 21.39 50.52
N TRP A 534 6.11 21.40 51.03
CA TRP A 534 5.40 20.15 51.28
C TRP A 534 4.91 19.52 49.99
N MET A 535 4.48 20.35 49.04
CA MET A 535 4.05 19.83 47.73
C MET A 535 5.26 19.37 46.92
N ARG A 536 6.37 20.12 46.96
CA ARG A 536 7.57 19.69 46.26
C ARG A 536 8.06 18.33 46.76
N ASN A 537 7.83 18.03 48.03
CA ASN A 537 8.32 16.80 48.65
C ASN A 537 7.39 15.61 48.43
N ALA A 538 6.08 15.85 48.32
CA ALA A 538 5.13 14.77 48.18
C ALA A 538 5.11 14.16 46.78
N LEU A 539 5.59 14.90 45.77
CA LEU A 539 5.67 14.39 44.41
C LEU A 539 7.03 14.77 43.79
N VAL A 540 8.10 14.26 44.41
CA VAL A 540 9.44 14.54 43.92
C VAL A 540 9.68 13.86 42.57
N GLN A 541 8.99 12.76 42.30
CA GLN A 541 9.23 11.94 41.11
C GLN A 541 8.43 12.38 39.90
N ARG A 542 7.57 13.40 40.02
CA ARG A 542 6.72 13.83 38.92
C ARG A 542 7.10 15.20 38.37
N VAL A 543 7.23 16.20 39.24
CA VAL A 543 7.64 17.53 38.80
C VAL A 543 8.81 18.00 39.66
N THR A 544 9.58 18.95 39.13
CA THR A 544 10.69 19.53 39.84
C THR A 544 10.54 21.04 40.05
N ASN A 545 9.47 21.65 39.55
CA ASN A 545 9.26 23.08 39.66
C ASN A 545 7.80 23.35 39.95
N ILE A 546 7.52 23.93 41.12
CA ILE A 546 6.18 24.32 41.52
C ILE A 546 6.22 25.80 41.88
N LYS A 547 5.43 26.60 41.17
CA LYS A 547 5.45 28.05 41.31
C LYS A 547 4.09 28.55 41.81
N VAL A 548 3.93 29.87 41.80
CA VAL A 548 2.68 30.53 42.17
C VAL A 548 2.38 31.60 41.13
N THR A 549 1.19 31.53 40.54
CA THR A 549 0.80 32.49 39.51
C THR A 549 -0.53 33.15 39.87
N PRO A 550 -0.64 34.45 39.70
CA PRO A 550 -1.90 35.15 39.99
C PRO A 550 -2.84 35.08 38.80
N THR A 554 -10.41 30.13 37.67
CA THR A 554 -11.14 28.92 38.10
C THR A 554 -10.26 27.83 38.71
N HIS A 555 -9.38 27.23 37.91
CA HIS A 555 -8.82 25.94 38.28
C HIS A 555 -7.80 26.08 39.43
N PRO A 556 -7.78 25.14 40.37
CA PRO A 556 -6.84 25.26 41.50
C PRO A 556 -5.37 25.33 41.07
N ALA A 557 -5.00 24.62 39.99
CA ALA A 557 -3.63 24.65 39.51
C ALA A 557 -3.65 24.21 38.05
N MET A 558 -2.51 24.42 37.38
CA MET A 558 -2.37 24.06 35.98
C MET A 558 -0.96 23.55 35.73
N ILE A 559 -0.82 22.76 34.67
CA ILE A 559 0.48 22.25 34.23
C ILE A 559 0.94 23.04 33.02
N THR A 560 2.22 23.42 33.01
CA THR A 560 2.86 24.02 31.86
C THR A 560 4.12 23.22 31.53
N VAL A 561 4.48 23.19 30.26
CA VAL A 561 5.64 22.43 29.78
C VAL A 561 6.61 23.39 29.11
N LEU A 562 7.89 23.25 29.45
CA LEU A 562 8.92 24.15 28.92
C LEU A 562 9.12 23.92 27.42
N GLU A 563 9.55 22.72 27.04
CA GLU A 563 9.82 22.38 25.65
C GLU A 563 8.67 21.55 25.10
N MET A 564 8.18 21.91 23.92
CA MET A 564 7.08 21.18 23.30
C MET A 564 7.52 19.85 22.75
N GLY A 565 8.80 19.69 22.41
CA GLY A 565 9.28 18.40 21.95
C GLY A 565 9.20 17.33 23.02
N ALA A 566 9.28 17.73 24.29
CA ALA A 566 9.15 16.78 25.39
C ALA A 566 7.70 16.41 25.67
N ALA A 567 6.74 17.23 25.24
CA ALA A 567 5.34 16.92 25.50
C ALA A 567 4.86 15.80 24.60
N ARG A 568 5.22 15.84 23.31
CA ARG A 568 4.81 14.79 22.40
C ARG A 568 5.50 13.47 22.70
N HIS A 569 6.71 13.52 23.26
CA HIS A 569 7.38 12.30 23.66
C HIS A 569 6.66 11.63 24.83
N PHE A 570 6.00 12.43 25.67
CA PHE A 570 5.23 11.88 26.79
C PHE A 570 3.91 11.28 26.34
N LEU A 571 3.36 11.77 25.22
CA LEU A 571 2.10 11.27 24.69
C LEU A 571 2.25 10.02 23.83
N ARG A 572 3.41 9.36 23.89
CA ARG A 572 3.63 8.13 23.13
C ARG A 572 4.18 7.02 24.03
N LEU A 587 9.58 14.05 30.54
CA LEU A 587 9.33 15.48 30.57
C LEU A 587 9.38 16.01 32.00
N GLN A 588 9.32 17.33 32.14
CA GLN A 588 9.29 18.00 33.44
C GLN A 588 8.21 19.07 33.42
N PRO A 589 7.00 18.77 33.89
CA PRO A 589 5.95 19.79 33.93
C PRO A 589 6.12 20.73 35.11
N THR A 590 5.65 21.96 34.92
CA THR A 590 5.70 22.98 35.95
C THR A 590 4.30 23.16 36.51
N LEU A 591 4.11 22.76 37.77
CA LEU A 591 2.82 22.90 38.44
C LEU A 591 2.70 24.31 39.00
N GLU A 592 1.81 25.11 38.40
CA GLU A 592 1.59 26.48 38.84
C GLU A 592 0.38 26.51 39.77
N ILE A 593 0.59 26.97 40.99
CA ILE A 593 -0.43 26.99 42.03
C ILE A 593 -1.00 28.39 42.12
N ASN A 594 -2.29 28.48 42.42
CA ASN A 594 -2.93 29.75 42.72
C ASN A 594 -3.18 29.86 44.22
N THR A 595 -2.70 30.94 44.83
CA THR A 595 -2.84 31.11 46.27
C THR A 595 -4.27 31.45 46.68
N GLY A 596 -5.13 31.85 45.74
CA GLY A 596 -6.46 32.29 46.12
C GLY A 596 -7.57 31.27 45.99
N HIS A 597 -7.28 30.07 45.49
CA HIS A 597 -8.33 29.08 45.32
C HIS A 597 -8.65 28.40 46.65
N ASP A 598 -9.87 27.87 46.73
CA ASP A 598 -10.33 27.23 47.97
C ASP A 598 -9.60 25.93 48.23
N LEU A 599 -9.40 25.10 47.20
CA LEU A 599 -8.72 23.83 47.38
C LEU A 599 -7.27 24.00 47.78
N ILE A 600 -6.63 25.10 47.35
CA ILE A 600 -5.24 25.33 47.73
C ILE A 600 -5.16 25.76 49.19
N LYS A 601 -6.00 26.71 49.59
CA LYS A 601 -6.06 27.10 51.00
C LYS A 601 -6.57 25.96 51.86
N LYS A 602 -7.35 25.03 51.30
CA LYS A 602 -7.75 23.84 52.05
C LYS A 602 -6.64 22.82 52.13
N LEU A 603 -5.82 22.71 51.08
CA LEU A 603 -4.68 21.81 51.10
C LEU A 603 -3.64 22.25 52.13
N HIS A 604 -3.46 23.57 52.28
CA HIS A 604 -2.55 24.07 53.30
C HIS A 604 -3.04 23.77 54.71
N ALA A 605 -4.35 23.79 54.93
CA ALA A 605 -4.90 23.50 56.24
C ALA A 605 -4.88 22.00 56.54
N LEU A 606 -5.28 21.18 55.57
CA LEU A 606 -5.25 19.73 55.73
C LEU A 606 -3.83 19.18 55.73
N LYS A 607 -2.84 20.00 55.39
CA LYS A 607 -1.45 19.52 55.31
C LYS A 607 -0.98 18.95 56.64
N ASP A 608 -1.30 19.63 57.75
CA ASP A 608 -0.89 19.18 59.07
C ASP A 608 -2.03 18.60 59.91
N SER A 609 -3.28 18.95 59.61
CA SER A 609 -4.41 18.43 60.38
C SER A 609 -4.73 16.99 59.99
N ASN A 610 -5.00 16.75 58.70
CA ASN A 610 -5.34 15.42 58.19
C ASN A 610 -4.35 15.08 57.08
N PRO A 611 -3.21 14.47 57.41
CA PRO A 611 -2.19 14.21 56.39
C PRO A 611 -2.61 13.17 55.36
N GLU A 612 -3.42 12.17 55.74
CA GLU A 612 -3.87 11.18 54.77
C GLU A 612 -4.78 11.82 53.72
N LEU A 613 -5.70 12.68 54.15
CA LEU A 613 -6.59 13.33 53.21
C LEU A 613 -5.86 14.38 52.38
N ALA A 614 -4.77 14.94 52.91
CA ALA A 614 -4.01 15.92 52.15
C ALA A 614 -3.22 15.28 51.01
N GLN A 615 -2.76 14.05 51.20
CA GLN A 615 -2.03 13.37 50.14
C GLN A 615 -2.96 12.98 48.99
N LEU A 616 -4.17 12.53 49.31
CA LEU A 616 -5.14 12.23 48.25
C LEU A 616 -5.58 13.49 47.53
N LEU A 617 -5.71 14.60 48.28
CA LEU A 617 -6.15 15.85 47.67
C LEU A 617 -5.09 16.43 46.75
N LEU A 618 -3.82 16.40 47.17
CA LEU A 618 -2.75 16.91 46.33
C LEU A 618 -2.64 16.11 45.04
N GLU A 619 -2.74 14.78 45.14
CA GLU A 619 -2.65 13.94 43.94
C GLU A 619 -3.81 14.24 42.98
N GLN A 620 -4.98 14.57 43.50
CA GLN A 620 -6.11 14.86 42.63
C GLN A 620 -5.95 16.21 41.95
N ILE A 621 -5.43 17.21 42.67
CA ILE A 621 -5.17 18.52 42.07
C ILE A 621 -4.12 18.39 40.96
N TYR A 622 -3.09 17.58 41.20
CA TYR A 622 -2.08 17.35 40.16
C TYR A 622 -2.70 16.64 38.96
N ASP A 623 -3.47 15.58 39.19
CA ASP A 623 -4.04 14.83 38.08
C ASP A 623 -5.08 15.63 37.33
N ASN A 624 -5.90 16.42 38.05
CA ASN A 624 -6.89 17.25 37.38
C ASN A 624 -6.24 18.31 36.51
N ALA A 625 -5.08 18.83 36.93
CA ALA A 625 -4.37 19.80 36.10
C ALA A 625 -3.76 19.14 34.88
N MET A 626 -3.25 17.91 35.04
CA MET A 626 -2.74 17.17 33.89
C MET A 626 -3.84 16.92 32.86
N ILE A 627 -5.06 16.64 33.32
CA ILE A 627 -6.18 16.47 32.39
C ILE A 627 -6.51 17.79 31.71
N ALA A 628 -6.58 18.88 32.48
CA ALA A 628 -6.88 20.19 31.88
C ALA A 628 -5.81 20.63 30.90
N ALA A 629 -4.59 20.11 31.00
CA ALA A 629 -3.52 20.42 30.07
C ALA A 629 -3.48 19.48 28.88
N GLY A 630 -4.41 18.52 28.80
CA GLY A 630 -4.41 17.57 27.71
C GLY A 630 -3.33 16.51 27.80
N LEU A 631 -2.58 16.45 28.90
CA LEU A 631 -1.51 15.48 29.05
C LEU A 631 -1.98 14.18 29.66
N ASN A 632 -3.27 14.02 29.94
CA ASN A 632 -3.81 12.76 30.44
C ASN A 632 -5.24 12.63 29.93
N GLU A 633 -5.44 11.83 28.88
CA GLU A 633 -6.74 11.66 28.26
C GLU A 633 -7.47 10.40 28.72
N ASP A 634 -6.79 9.51 29.43
CA ASP A 634 -7.37 8.29 29.98
C ASP A 634 -7.22 8.32 31.50
N PRO A 635 -8.15 8.94 32.23
CA PRO A 635 -7.98 9.11 33.69
C PRO A 635 -8.32 7.86 34.49
N ARG A 636 -8.17 6.69 33.89
CA ARG A 636 -8.53 5.45 34.58
C ARG A 636 -7.64 5.15 35.78
N PRO A 637 -6.32 5.40 35.73
CA PRO A 637 -5.49 5.12 36.92
C PRO A 637 -5.91 5.87 38.17
N MET A 638 -6.67 6.96 38.06
CA MET A 638 -7.01 7.78 39.22
C MET A 638 -8.37 7.46 39.83
N ILE A 639 -9.21 6.67 39.15
CA ILE A 639 -10.60 6.51 39.56
C ILE A 639 -10.68 5.85 40.93
N SER A 640 -9.92 4.78 41.15
CA SER A 640 -9.98 4.10 42.44
C SER A 640 -9.50 5.01 43.57
N ARG A 641 -8.44 5.78 43.32
CA ARG A 641 -7.94 6.69 44.35
C ARG A 641 -8.90 7.85 44.57
N LEU A 642 -9.50 8.37 43.49
CA LEU A 642 -10.47 9.45 43.62
C LEU A 642 -11.67 9.00 44.43
N ASN A 643 -12.10 7.73 44.28
CA ASN A 643 -13.19 7.22 45.08
C ASN A 643 -12.83 7.18 46.56
N GLN A 644 -11.58 6.83 46.87
CA GLN A 644 -11.13 6.86 48.26
C GLN A 644 -11.08 8.29 48.80
N LEU A 645 -10.68 9.25 47.96
CA LEU A 645 -10.67 10.64 48.38
C LEU A 645 -12.08 11.15 48.64
N LEU A 646 -13.05 10.77 47.79
CA LEU A 646 -14.42 11.21 48.01
C LEU A 646 -15.00 10.62 49.29
N THR A 647 -14.67 9.36 49.58
CA THR A 647 -15.23 8.72 50.77
C THR A 647 -14.67 9.34 52.04
N ARG A 648 -13.36 9.58 52.07
CA ARG A 648 -12.75 10.20 53.25
C ARG A 648 -13.14 11.67 53.39
N ALA A 649 -13.60 12.31 52.32
CA ALA A 649 -14.02 13.71 52.40
C ALA A 649 -15.42 13.85 52.97
N LEU A 650 -16.27 12.83 52.81
CA LEU A 650 -17.66 12.90 53.22
C LEU A 650 -17.91 12.13 54.54
N GLU A 651 -16.94 12.14 55.45
CA GLU A 651 -17.09 11.42 56.72
C GLU A 651 -18.16 12.06 57.61
N THR B 19 -36.06 -14.34 -24.94
CA THR B 19 -35.54 -13.53 -23.85
C THR B 19 -34.01 -13.42 -23.93
N LEU B 20 -33.41 -14.15 -24.88
CA LEU B 20 -31.98 -14.17 -25.09
C LEU B 20 -31.67 -13.75 -26.52
N HIS B 21 -30.58 -13.02 -26.70
CA HIS B 21 -30.13 -12.56 -28.01
C HIS B 21 -28.77 -13.19 -28.30
N ASN B 22 -28.76 -14.21 -29.14
CA ASN B 22 -27.53 -14.91 -29.49
C ASN B 22 -27.49 -15.11 -31.00
N ILE B 23 -26.35 -14.77 -31.60
CA ILE B 23 -26.14 -14.96 -33.03
C ILE B 23 -25.17 -16.07 -33.34
N ILE B 24 -24.52 -16.65 -32.33
CA ILE B 24 -23.52 -17.69 -32.55
C ILE B 24 -24.23 -19.01 -32.76
N THR B 25 -24.14 -19.54 -33.99
CA THR B 25 -24.71 -20.83 -34.32
C THR B 25 -23.75 -21.60 -35.21
N ASP B 26 -23.78 -22.92 -35.10
CA ASP B 26 -22.94 -23.78 -35.91
C ASP B 26 -23.56 -23.91 -37.30
N THR B 27 -23.23 -22.96 -38.17
CA THR B 27 -23.75 -22.93 -39.53
C THR B 27 -22.68 -23.03 -40.60
N GLU B 28 -21.40 -22.99 -40.25
CA GLU B 28 -20.33 -22.94 -41.23
C GLU B 28 -19.91 -24.34 -41.63
N ASN B 29 -19.60 -24.51 -42.92
CA ASN B 29 -19.15 -25.79 -43.44
C ASN B 29 -18.04 -25.54 -44.45
N VAL B 30 -16.97 -26.34 -44.34
CA VAL B 30 -15.83 -26.19 -45.23
C VAL B 30 -16.22 -26.61 -46.64
N GLN B 31 -15.81 -25.79 -47.62
CA GLN B 31 -16.10 -26.03 -49.03
C GLN B 31 -14.80 -26.23 -49.77
N GLY B 32 -14.63 -27.41 -50.37
CA GLY B 32 -13.46 -27.71 -51.18
C GLY B 32 -12.23 -27.96 -50.34
N SER B 33 -11.08 -27.89 -51.03
CA SER B 33 -9.79 -28.15 -50.40
C SER B 33 -9.33 -26.93 -49.60
N PHE B 34 -8.24 -27.13 -48.87
CA PHE B 34 -7.64 -26.11 -48.04
C PHE B 34 -6.19 -25.89 -48.44
N SER B 35 -5.78 -24.62 -48.52
CA SER B 35 -4.39 -24.28 -48.79
C SER B 35 -3.64 -24.12 -47.48
N LYS B 36 -2.49 -24.80 -47.37
CA LYS B 36 -1.67 -24.71 -46.18
C LYS B 36 -0.62 -23.62 -46.34
N HIS B 37 -0.40 -22.86 -45.27
CA HIS B 37 0.52 -21.72 -45.29
C HIS B 37 1.46 -21.82 -44.10
N GLU B 38 2.41 -20.89 -44.02
CA GLU B 38 3.35 -20.83 -42.92
C GLU B 38 3.38 -19.41 -42.38
N PHE B 39 3.42 -19.29 -41.05
CA PHE B 39 3.47 -17.97 -40.45
C PHE B 39 4.71 -17.21 -40.90
N GLN B 40 4.56 -15.89 -41.02
CA GLN B 40 5.64 -15.00 -41.39
C GLN B 40 5.73 -13.90 -40.34
N ALA B 41 6.75 -13.05 -40.46
CA ALA B 41 6.99 -11.98 -39.50
C ALA B 41 7.46 -10.74 -40.22
N GLU B 42 6.99 -9.58 -39.75
CA GLU B 42 7.42 -8.29 -40.29
C GLU B 42 8.64 -7.85 -39.50
N THR B 43 9.83 -8.11 -40.05
CA THR B 43 11.06 -7.96 -39.28
C THR B 43 11.32 -6.51 -38.90
N LYS B 44 11.19 -5.60 -39.87
CA LYS B 44 11.45 -4.19 -39.59
C LYS B 44 10.47 -3.64 -38.55
N LYS B 45 9.22 -4.10 -38.58
CA LYS B 45 8.26 -3.68 -37.56
C LYS B 45 8.63 -4.27 -36.20
N LEU B 46 9.13 -5.50 -36.17
CA LEU B 46 9.54 -6.12 -34.91
C LEU B 46 10.71 -5.39 -34.29
N LEU B 47 11.68 -4.95 -35.10
CA LEU B 47 12.81 -4.20 -34.55
C LEU B 47 12.33 -2.92 -33.88
N ASP B 48 11.39 -2.22 -34.50
CA ASP B 48 10.87 -0.98 -33.91
C ASP B 48 10.14 -1.27 -32.60
N ILE B 49 9.39 -2.37 -32.53
CA ILE B 49 8.71 -2.75 -31.30
C ILE B 49 9.71 -2.95 -30.16
N VAL B 50 10.80 -3.66 -30.44
CA VAL B 50 11.78 -3.92 -29.38
C VAL B 50 12.46 -2.64 -28.92
N ALA B 51 12.66 -1.69 -29.84
CA ALA B 51 13.36 -0.46 -29.51
C ALA B 51 12.46 0.58 -28.85
N ARG B 52 11.15 0.49 -29.00
CA ARG B 52 10.26 1.54 -28.51
C ARG B 52 9.15 1.05 -27.59
N SER B 53 8.88 -0.25 -27.51
CA SER B 53 7.68 -0.72 -26.83
C SER B 53 7.86 -1.94 -25.95
N LEU B 54 9.00 -2.64 -26.04
CA LEU B 54 9.21 -3.85 -25.26
C LEU B 54 9.52 -3.54 -23.80
N TYR B 55 10.60 -2.80 -23.55
CA TYR B 55 11.05 -2.51 -22.18
C TYR B 55 10.49 -1.16 -21.72
N SER B 56 9.92 -1.14 -20.52
CA SER B 56 9.27 0.07 -20.02
C SER B 56 10.27 1.11 -19.55
N GLU B 57 11.52 0.74 -19.33
CA GLU B 57 12.58 1.65 -18.91
C GLU B 57 13.79 1.47 -19.81
N LYS B 58 14.37 2.58 -20.28
CA LYS B 58 15.48 2.51 -21.21
C LYS B 58 16.74 1.93 -20.54
N GLU B 59 16.89 2.10 -19.23
CA GLU B 59 18.17 1.78 -18.59
C GLU B 59 18.49 0.29 -18.63
N VAL B 60 17.50 -0.57 -18.88
CA VAL B 60 17.69 -2.02 -18.80
C VAL B 60 18.55 -2.57 -19.92
N PHE B 61 18.86 -1.76 -20.95
CA PHE B 61 19.79 -2.22 -21.96
C PHE B 61 21.14 -2.60 -21.35
N ILE B 62 21.55 -1.92 -20.27
CA ILE B 62 22.79 -2.29 -19.59
C ILE B 62 22.68 -3.68 -18.99
N ARG B 63 21.52 -3.98 -18.38
CA ARG B 63 21.31 -5.32 -17.82
C ARG B 63 21.38 -6.39 -18.91
N GLU B 64 20.79 -6.11 -20.08
CA GLU B 64 20.79 -7.10 -21.15
C GLU B 64 22.20 -7.37 -21.66
N LEU B 65 22.99 -6.33 -21.91
CA LEU B 65 24.33 -6.52 -22.43
C LEU B 65 25.24 -7.19 -21.40
N ILE B 66 25.06 -6.89 -20.12
CA ILE B 66 25.88 -7.55 -19.10
C ILE B 66 25.55 -9.04 -19.03
N SER B 67 24.26 -9.38 -19.11
CA SER B 67 23.84 -10.77 -19.09
C SER B 67 24.43 -11.55 -20.26
N ASN B 68 24.41 -10.95 -21.46
CA ASN B 68 25.03 -11.59 -22.62
C ASN B 68 26.52 -11.80 -22.39
N GLY B 69 27.19 -10.81 -21.79
CA GLY B 69 28.59 -10.99 -21.47
C GLY B 69 28.80 -12.09 -20.44
N SER B 70 27.90 -12.20 -19.46
CA SER B 70 27.98 -13.27 -18.48
C SER B 70 27.77 -14.63 -19.13
N ASP B 71 26.78 -14.74 -20.03
CA ASP B 71 26.55 -16.01 -20.72
C ASP B 71 27.76 -16.40 -21.56
N ALA B 72 28.34 -15.45 -22.30
CA ALA B 72 29.51 -15.74 -23.11
C ALA B 72 30.69 -16.17 -22.25
N LEU B 73 30.81 -15.62 -21.05
CA LEU B 73 31.86 -16.05 -20.13
C LEU B 73 31.56 -17.44 -19.57
N GLU B 74 30.30 -17.70 -19.22
CA GLU B 74 29.92 -19.03 -18.75
C GLU B 74 30.20 -20.10 -19.80
N LYS B 75 30.02 -19.77 -21.08
CA LYS B 75 30.33 -20.73 -22.13
C LYS B 75 31.82 -21.05 -22.17
N LEU B 76 32.66 -20.02 -22.13
CA LEU B 76 34.11 -20.25 -22.15
C LEU B 76 34.55 -21.04 -20.91
N ARG B 77 34.00 -20.70 -19.73
CA ARG B 77 34.28 -21.48 -18.53
C ARG B 77 33.92 -22.94 -18.73
N HIS B 78 32.82 -23.22 -19.45
CA HIS B 78 32.46 -24.60 -19.73
C HIS B 78 33.46 -25.26 -20.67
N ARG B 79 33.96 -24.50 -21.65
CA ARG B 79 34.95 -25.03 -22.59
C ARG B 79 36.35 -25.09 -21.98
N MET B 80 36.52 -24.64 -20.73
CA MET B 80 37.82 -24.74 -20.08
C MET B 80 38.11 -26.15 -19.56
N ILE B 81 37.14 -27.06 -19.59
CA ILE B 81 37.40 -28.45 -19.25
C ILE B 81 38.07 -29.21 -20.39
N THR B 82 38.20 -28.60 -21.56
CA THR B 82 38.82 -29.21 -22.74
C THR B 82 38.16 -30.53 -23.11
N THR B 87 42.64 -19.90 -16.56
CA THR B 87 43.83 -19.37 -17.22
C THR B 87 43.58 -17.96 -17.75
N ALA B 88 42.82 -17.87 -18.84
CA ALA B 88 42.54 -16.57 -19.44
C ALA B 88 41.64 -15.75 -18.52
N PRO B 89 41.82 -14.43 -18.50
CA PRO B 89 40.97 -13.59 -17.64
C PRO B 89 39.52 -13.59 -18.13
N MET B 90 38.61 -13.64 -17.17
CA MET B 90 37.17 -13.68 -17.44
C MET B 90 36.54 -12.51 -16.71
N GLU B 91 36.19 -11.46 -17.45
CA GLU B 91 35.70 -10.25 -16.81
C GLU B 91 34.89 -9.46 -17.83
N ILE B 92 34.17 -8.46 -17.31
CA ILE B 92 33.33 -7.58 -18.12
C ILE B 92 33.77 -6.15 -17.88
N HIS B 93 34.03 -5.42 -18.96
CA HIS B 93 34.49 -4.04 -18.88
C HIS B 93 33.45 -3.10 -19.48
N LEU B 94 33.17 -2.02 -18.76
CA LEU B 94 32.25 -0.98 -19.21
C LEU B 94 33.01 0.33 -19.33
N GLN B 95 32.80 1.03 -20.44
CA GLN B 95 33.46 2.32 -20.68
C GLN B 95 32.44 3.36 -21.15
N THR B 96 32.42 4.50 -20.49
CA THR B 96 31.56 5.61 -20.84
C THR B 96 32.40 6.80 -21.27
N ASP B 97 32.05 7.40 -22.40
CA ASP B 97 32.76 8.56 -22.94
C ASP B 97 31.75 9.66 -23.17
N SER B 98 31.69 10.64 -22.27
CA SER B 98 30.73 11.72 -22.40
C SER B 98 31.09 12.69 -23.52
N VAL B 99 32.36 12.74 -23.91
CA VAL B 99 32.75 13.63 -25.01
C VAL B 99 32.23 13.10 -26.34
N LYS B 100 32.29 11.78 -26.54
CA LYS B 100 31.79 11.16 -27.76
C LYS B 100 30.40 10.56 -27.61
N GLY B 101 29.85 10.53 -26.40
CA GLY B 101 28.53 9.97 -26.16
C GLY B 101 28.43 8.50 -26.53
N THR B 102 29.31 7.68 -25.96
CA THR B 102 29.33 6.25 -26.27
C THR B 102 29.31 5.43 -25.00
N PHE B 103 28.57 4.32 -25.05
CA PHE B 103 28.59 3.28 -24.04
C PHE B 103 29.28 2.07 -24.65
N THR B 104 30.24 1.49 -23.93
CA THR B 104 31.02 0.38 -24.46
C THR B 104 31.07 -0.72 -23.42
N ILE B 105 30.74 -1.94 -23.84
CA ILE B 105 30.88 -3.14 -23.02
C ILE B 105 31.73 -4.13 -23.78
N GLN B 106 32.70 -4.73 -23.10
CA GLN B 106 33.56 -5.75 -23.66
C GLN B 106 33.67 -6.91 -22.69
N ASP B 107 33.46 -8.14 -23.18
CA ASP B 107 33.66 -9.33 -22.38
C ASP B 107 34.73 -10.20 -23.03
N THR B 108 35.36 -11.05 -22.22
CA THR B 108 36.39 -11.97 -22.71
C THR B 108 35.86 -13.39 -22.86
N GLY B 109 34.65 -13.55 -23.39
CA GLY B 109 34.00 -14.84 -23.53
C GLY B 109 34.33 -15.54 -24.83
N VAL B 110 33.45 -16.49 -25.20
CA VAL B 110 33.69 -17.33 -26.37
C VAL B 110 33.75 -16.51 -27.65
N GLY B 111 33.06 -15.37 -27.68
CA GLY B 111 33.01 -14.61 -28.91
C GLY B 111 32.13 -15.31 -29.93
N MET B 112 32.16 -14.77 -31.15
CA MET B 112 31.35 -15.26 -32.25
C MET B 112 32.13 -15.15 -33.54
N ASN B 113 31.95 -16.12 -34.42
CA ASN B 113 32.63 -16.11 -35.72
C ASN B 113 31.73 -15.43 -36.76
N LYS B 114 32.06 -15.61 -38.04
CA LYS B 114 31.27 -15.01 -39.10
C LYS B 114 29.86 -15.57 -39.13
N GLU B 115 29.72 -16.89 -38.97
CA GLU B 115 28.40 -17.50 -38.97
C GLU B 115 27.59 -17.12 -37.75
N ASP B 116 28.23 -17.09 -36.57
CA ASP B 116 27.51 -16.81 -35.34
C ASP B 116 27.02 -15.36 -35.28
N LEU B 117 27.82 -14.43 -35.80
CA LEU B 117 27.37 -13.04 -35.83
C LEU B 117 26.13 -12.88 -36.71
N VAL B 118 26.13 -13.50 -37.88
CA VAL B 118 24.99 -13.37 -38.79
C VAL B 118 23.78 -14.11 -38.23
N SER B 119 24.00 -15.29 -37.65
CA SER B 119 22.90 -16.10 -37.18
C SER B 119 22.31 -15.58 -35.88
N ASN B 120 23.16 -15.28 -34.90
CA ASN B 120 22.68 -14.93 -33.57
C ASN B 120 22.18 -13.50 -33.52
N LEU B 121 22.94 -12.55 -34.05
CA LEU B 121 22.55 -11.15 -34.00
C LEU B 121 21.59 -10.76 -35.12
N GLY B 122 21.71 -11.41 -36.28
CA GLY B 122 20.89 -11.04 -37.41
C GLY B 122 19.48 -11.60 -37.41
N THR B 123 19.19 -12.59 -36.56
CA THR B 123 17.89 -13.25 -36.54
C THR B 123 17.23 -12.98 -35.20
N ILE B 124 16.09 -12.28 -35.25
CA ILE B 124 15.32 -12.03 -34.04
C ILE B 124 14.74 -13.34 -33.52
N ALA B 125 14.77 -13.51 -32.20
CA ALA B 125 14.30 -14.69 -31.47
C ALA B 125 15.17 -15.91 -31.66
N ARG B 126 16.33 -15.77 -32.31
CA ARG B 126 17.30 -16.83 -32.36
C ARG B 126 18.28 -16.68 -31.20
N SER B 127 18.36 -17.69 -30.35
CA SER B 127 19.19 -17.68 -29.15
C SER B 127 20.21 -18.79 -29.25
N GLY B 128 21.48 -18.41 -29.44
CA GLY B 128 22.54 -19.41 -29.41
C GLY B 128 22.67 -20.09 -28.06
N SER B 129 22.25 -19.40 -26.99
CA SER B 129 22.27 -19.97 -25.65
C SER B 129 21.25 -21.09 -25.47
N LYS B 130 20.32 -21.27 -26.41
CA LYS B 130 19.40 -22.39 -26.38
C LYS B 130 20.00 -23.65 -27.00
N ALA B 131 20.65 -23.52 -28.16
CA ALA B 131 21.26 -24.67 -28.80
C ALA B 131 22.51 -25.14 -28.09
N PHE B 132 23.10 -24.31 -27.23
CA PHE B 132 24.30 -24.69 -26.49
C PHE B 132 24.00 -25.68 -25.37
N LEU B 133 22.73 -25.90 -25.05
CA LEU B 133 22.35 -26.82 -23.98
C LEU B 133 21.64 -28.06 -24.51
N ASP B 134 22.40 -29.15 -24.70
CA ASP B 134 23.83 -29.17 -24.45
C ASP B 134 24.61 -29.19 -25.75
N SER B 143 25.68 -25.00 -17.38
CA SER B 143 24.68 -25.48 -16.43
C SER B 143 23.52 -24.50 -16.32
N SER B 144 23.04 -24.28 -15.10
CA SER B 144 21.95 -23.36 -14.83
C SER B 144 22.41 -21.92 -14.66
N SER B 145 23.52 -21.54 -15.29
CA SER B 145 24.08 -20.20 -15.15
C SER B 145 23.90 -19.36 -16.41
N ILE B 146 23.09 -19.81 -17.35
CA ILE B 146 22.79 -19.07 -18.57
C ILE B 146 21.49 -18.30 -18.36
N ILE B 147 21.49 -17.03 -18.79
CA ILE B 147 20.34 -16.15 -18.59
C ILE B 147 19.49 -16.06 -19.86
N GLY B 148 20.12 -15.97 -21.02
CA GLY B 148 19.37 -15.76 -22.26
C GLY B 148 18.61 -17.01 -22.68
N GLN B 149 17.47 -16.78 -23.35
CA GLN B 149 16.59 -17.85 -23.78
C GLN B 149 15.66 -17.40 -24.91
N PHE B 150 15.30 -16.11 -24.94
CA PHE B 150 14.31 -15.59 -25.90
C PHE B 150 14.91 -15.24 -27.26
N GLY B 151 16.14 -14.73 -27.29
CA GLY B 151 16.76 -14.33 -28.54
C GLY B 151 16.46 -12.91 -29.00
N VAL B 152 16.15 -11.99 -28.08
CA VAL B 152 15.81 -10.63 -28.46
C VAL B 152 16.52 -9.60 -27.59
N GLY B 153 17.09 -10.04 -26.47
CA GLY B 153 17.63 -9.11 -25.49
C GLY B 153 18.68 -8.16 -26.04
N PHE B 154 19.48 -8.63 -26.99
CA PHE B 154 20.54 -7.80 -27.55
C PHE B 154 19.98 -6.53 -28.20
N TYR B 155 18.82 -6.65 -28.87
CA TYR B 155 18.26 -5.52 -29.61
C TYR B 155 17.78 -4.38 -28.69
N SER B 156 17.82 -4.55 -27.37
CA SER B 156 17.53 -3.44 -26.48
C SER B 156 18.53 -2.28 -26.64
N ALA B 157 19.71 -2.56 -27.19
CA ALA B 157 20.69 -1.50 -27.42
C ALA B 157 20.16 -0.43 -28.35
N PHE B 158 19.22 -0.77 -29.23
CA PHE B 158 18.66 0.22 -30.14
C PHE B 158 17.64 1.12 -29.48
N MET B 159 17.31 0.90 -28.20
CA MET B 159 16.51 1.89 -27.49
C MET B 159 17.30 3.17 -27.26
N VAL B 160 18.60 3.05 -27.00
CA VAL B 160 19.40 4.20 -26.58
C VAL B 160 20.48 4.58 -27.58
N ALA B 161 20.71 3.79 -28.62
CA ALA B 161 21.80 4.02 -29.55
C ALA B 161 21.30 4.06 -30.98
N ASP B 162 21.84 5.00 -31.75
CA ASP B 162 21.52 5.08 -33.18
C ASP B 162 22.36 4.13 -34.00
N LYS B 163 23.59 3.85 -33.56
CA LYS B 163 24.52 2.97 -34.24
C LYS B 163 25.13 2.02 -33.22
N VAL B 164 25.24 0.74 -33.60
CA VAL B 164 25.78 -0.30 -32.74
C VAL B 164 26.87 -1.05 -33.50
N GLU B 165 28.08 -1.07 -32.95
CA GLU B 165 29.21 -1.78 -33.51
C GLU B 165 29.57 -2.96 -32.61
N VAL B 166 29.87 -4.10 -33.22
CA VAL B 166 30.18 -5.32 -32.50
C VAL B 166 31.45 -5.91 -33.10
N TYR B 167 32.52 -5.93 -32.32
CA TYR B 167 33.75 -6.62 -32.68
C TYR B 167 33.81 -7.93 -31.89
N SER B 168 33.92 -9.05 -32.59
CA SER B 168 33.90 -10.36 -31.95
C SER B 168 35.03 -11.23 -32.47
N GLN B 169 35.69 -11.94 -31.55
CA GLN B 169 36.77 -12.87 -31.88
C GLN B 169 36.50 -14.19 -31.18
N SER B 170 36.28 -15.24 -31.95
CA SER B 170 35.95 -16.54 -31.40
C SER B 170 37.20 -17.27 -30.90
N ALA B 171 36.97 -18.22 -30.00
CA ALA B 171 38.04 -19.08 -29.56
C ALA B 171 38.49 -19.98 -30.70
N GLU B 172 39.78 -20.34 -30.68
CA GLU B 172 40.41 -21.03 -31.81
C GLU B 172 40.16 -20.21 -33.08
N ALA B 173 39.17 -20.62 -33.87
CA ALA B 173 38.67 -19.85 -35.01
C ALA B 173 39.71 -19.53 -36.07
N PRO B 176 40.10 -14.92 -36.98
CA PRO B 176 39.53 -13.97 -37.94
C PRO B 176 38.52 -13.05 -37.27
N GLY B 177 38.95 -11.86 -36.85
CA GLY B 177 38.02 -10.93 -36.25
C GLY B 177 37.06 -10.34 -37.26
N TYR B 178 35.83 -10.08 -36.80
CA TYR B 178 34.80 -9.50 -37.64
C TYR B 178 34.16 -8.32 -36.92
N LYS B 179 33.67 -7.36 -37.70
CA LYS B 179 32.96 -6.20 -37.18
C LYS B 179 31.52 -6.27 -37.64
N TRP B 180 30.60 -6.26 -36.68
CA TRP B 180 29.16 -6.23 -36.94
C TRP B 180 28.66 -4.82 -36.71
N SER B 181 27.91 -4.29 -37.67
CA SER B 181 27.47 -2.91 -37.62
C SER B 181 26.05 -2.80 -38.17
N SER B 182 25.24 -1.99 -37.50
CA SER B 182 23.87 -1.75 -37.95
C SER B 182 23.33 -0.50 -37.26
N ASP B 183 22.20 -0.02 -37.76
CA ASP B 183 21.50 1.11 -37.17
C ASP B 183 20.11 0.75 -36.65
N GLY B 184 19.67 -0.50 -36.81
CA GLY B 184 18.35 -0.90 -36.35
C GLY B 184 17.22 -0.61 -37.31
N SER B 185 17.53 -0.34 -38.58
CA SER B 185 16.52 -0.04 -39.57
C SER B 185 16.18 -1.23 -40.46
N GLY B 186 16.68 -2.43 -40.12
CA GLY B 186 16.42 -3.62 -40.90
C GLY B 186 17.55 -4.14 -41.76
N VAL B 187 18.77 -3.63 -41.58
CA VAL B 187 19.90 -4.10 -42.37
C VAL B 187 21.16 -4.03 -41.50
N PHE B 188 22.08 -4.97 -41.70
CA PHE B 188 23.36 -4.95 -41.04
C PHE B 188 24.43 -5.47 -42.00
N GLU B 189 25.67 -5.05 -41.76
CA GLU B 189 26.81 -5.44 -42.59
C GLU B 189 27.92 -5.99 -41.72
N VAL B 190 28.64 -6.97 -42.25
CA VAL B 190 29.70 -7.65 -41.53
C VAL B 190 30.96 -7.64 -42.39
N ALA B 191 32.08 -7.24 -41.81
CA ALA B 191 33.36 -7.24 -42.50
C ALA B 191 34.43 -7.76 -41.56
N GLU B 192 35.49 -8.32 -42.15
CA GLU B 192 36.58 -8.85 -41.36
C GLU B 192 37.40 -7.70 -40.76
N ALA B 193 37.82 -7.88 -39.51
CA ALA B 193 38.59 -6.87 -38.79
C ALA B 193 39.79 -7.53 -38.13
N SER B 194 40.86 -6.76 -38.00
CA SER B 194 42.08 -7.21 -37.36
C SER B 194 42.18 -6.62 -35.95
N GLY B 195 43.08 -7.21 -35.16
CA GLY B 195 43.29 -6.73 -33.79
C GLY B 195 42.08 -6.82 -32.89
N VAL B 196 41.28 -7.87 -33.04
CA VAL B 196 40.10 -8.07 -32.22
C VAL B 196 40.47 -9.02 -31.09
N ARG B 197 40.38 -8.53 -29.86
CA ARG B 197 40.67 -9.35 -28.69
C ARG B 197 39.61 -10.44 -28.53
N GLN B 198 40.04 -11.58 -28.00
CA GLN B 198 39.11 -12.69 -27.78
C GLN B 198 37.94 -12.22 -26.94
N GLY B 199 36.74 -12.61 -27.34
CA GLY B 199 35.53 -12.13 -26.70
C GLY B 199 34.75 -11.21 -27.61
N THR B 200 34.06 -10.23 -27.03
CA THR B 200 33.18 -9.36 -27.82
C THR B 200 33.20 -7.95 -27.21
N LYS B 201 33.36 -6.95 -28.06
CA LYS B 201 33.22 -5.55 -27.67
C LYS B 201 32.04 -4.94 -28.41
N ILE B 202 31.20 -4.22 -27.69
CA ILE B 202 30.01 -3.59 -28.26
C ILE B 202 30.02 -2.11 -27.90
N VAL B 203 29.98 -1.25 -28.91
CA VAL B 203 29.99 0.19 -28.75
C VAL B 203 28.62 0.73 -29.15
N LEU B 204 27.99 1.46 -28.24
CA LEU B 204 26.68 2.07 -28.47
C LEU B 204 26.87 3.57 -28.66
N HIS B 205 26.68 4.05 -29.89
CA HIS B 205 26.68 5.48 -30.17
C HIS B 205 25.34 6.03 -29.72
N LEU B 206 25.31 6.56 -28.50
CA LEU B 206 24.05 6.89 -27.84
C LEU B 206 23.29 7.96 -28.61
N LYS B 207 21.96 7.85 -28.59
CA LYS B 207 21.12 8.91 -29.13
C LYS B 207 21.27 10.16 -28.28
N ASP B 208 20.89 11.30 -28.87
CA ASP B 208 20.89 12.55 -28.11
C ASP B 208 19.90 12.50 -26.95
N ASP B 209 18.90 11.62 -27.04
CA ASP B 209 17.93 11.47 -25.96
C ASP B 209 18.54 10.77 -24.74
N CYS B 210 19.55 9.95 -24.93
CA CYS B 210 20.04 9.05 -23.88
C CYS B 210 21.50 9.31 -23.55
N LYS B 211 21.90 10.58 -23.48
CA LYS B 211 23.28 10.89 -23.13
C LYS B 211 23.60 10.58 -21.67
N GLU B 212 22.58 10.34 -20.83
CA GLU B 212 22.83 10.02 -19.43
C GLU B 212 23.61 8.73 -19.26
N PHE B 213 23.58 7.84 -20.25
CA PHE B 213 24.30 6.58 -20.18
C PHE B 213 25.75 6.70 -20.65
N SER B 214 26.22 7.91 -20.94
CA SER B 214 27.64 8.20 -21.05
C SER B 214 28.20 8.77 -19.77
N SER B 215 27.40 8.82 -18.71
CA SER B 215 27.81 9.29 -17.40
C SER B 215 28.22 8.10 -16.54
N GLU B 216 29.40 8.20 -15.93
CA GLU B 216 29.90 7.11 -15.11
C GLU B 216 29.02 6.85 -13.90
N ASP B 217 28.56 7.93 -13.24
CA ASP B 217 27.71 7.75 -12.07
C ASP B 217 26.39 7.09 -12.43
N ARG B 218 25.79 7.49 -13.56
CA ARG B 218 24.52 6.91 -13.98
C ARG B 218 24.67 5.44 -14.35
N VAL B 219 25.75 5.10 -15.06
CA VAL B 219 25.95 3.71 -15.45
C VAL B 219 26.19 2.82 -14.23
N LYS B 220 26.89 3.34 -13.24
CA LYS B 220 27.14 2.57 -12.03
C LYS B 220 25.86 2.35 -11.22
N GLU B 221 24.92 3.30 -11.28
CA GLU B 221 23.61 3.08 -10.64
C GLU B 221 22.88 1.89 -11.26
N VAL B 222 22.89 1.80 -12.60
CA VAL B 222 22.15 0.73 -13.26
C VAL B 222 22.80 -0.63 -12.99
N VAL B 223 24.13 -0.69 -12.98
CA VAL B 223 24.83 -1.94 -12.72
C VAL B 223 24.49 -2.44 -11.31
N THR B 224 24.59 -1.54 -10.32
CA THR B 224 24.25 -1.91 -8.95
C THR B 224 22.78 -2.32 -8.81
N LYS B 225 21.89 -1.73 -9.62
CA LYS B 225 20.48 -2.02 -9.47
C LYS B 225 20.13 -3.41 -9.99
N TYR B 226 20.60 -3.77 -11.19
CA TYR B 226 20.18 -5.02 -11.83
C TYR B 226 21.23 -6.11 -11.83
N SER B 227 22.52 -5.76 -11.89
CA SER B 227 23.58 -6.73 -12.11
C SER B 227 24.58 -6.74 -10.97
N ASN B 228 24.10 -6.57 -9.74
CA ASN B 228 24.99 -6.49 -8.59
C ASN B 228 25.46 -7.86 -8.10
N PHE B 229 24.95 -8.96 -8.67
CA PHE B 229 25.32 -10.30 -8.22
C PHE B 229 25.90 -11.16 -9.34
N VAL B 230 26.38 -10.52 -10.43
CA VAL B 230 26.99 -11.26 -11.53
C VAL B 230 28.17 -12.07 -11.02
N SER B 231 28.36 -13.27 -11.59
CA SER B 231 29.39 -14.20 -11.16
C SER B 231 30.76 -13.89 -11.73
N PHE B 232 30.96 -12.71 -12.30
CA PHE B 232 32.23 -12.33 -12.91
C PHE B 232 32.55 -10.89 -12.56
N PRO B 233 33.83 -10.54 -12.46
CA PRO B 233 34.19 -9.16 -12.12
C PRO B 233 33.77 -8.20 -13.22
N ILE B 234 33.20 -7.08 -12.82
CA ILE B 234 32.79 -6.01 -13.73
C ILE B 234 33.66 -4.80 -13.44
N PHE B 235 34.30 -4.26 -14.49
CA PHE B 235 35.10 -3.05 -14.39
C PHE B 235 34.40 -1.92 -15.12
N LEU B 236 34.33 -0.76 -14.47
CA LEU B 236 33.75 0.45 -15.05
C LEU B 236 34.85 1.50 -15.18
N ASN B 237 35.30 1.75 -16.42
CA ASN B 237 36.34 2.74 -16.71
C ASN B 237 37.62 2.46 -15.91
N GLY B 238 37.99 1.18 -15.84
CA GLY B 238 39.22 0.77 -15.19
C GLY B 238 39.11 0.41 -13.73
N ARG B 239 38.05 0.84 -13.05
CA ARG B 239 37.83 0.55 -11.65
C ARG B 239 36.87 -0.63 -11.49
N ARG B 240 37.19 -1.53 -10.56
CA ARG B 240 36.40 -2.74 -10.33
C ARG B 240 35.18 -2.42 -9.47
N LEU B 241 34.03 -2.94 -9.88
CA LEU B 241 32.78 -2.68 -9.17
C LEU B 241 32.58 -3.71 -8.05
N ASN B 242 31.97 -3.25 -6.96
CA ASN B 242 31.82 -4.05 -5.75
C ASN B 242 30.58 -4.94 -5.87
N THR B 243 30.70 -5.95 -6.74
CA THR B 243 29.65 -6.96 -6.84
C THR B 243 29.57 -7.77 -5.54
N LEU B 244 28.40 -8.34 -5.29
CA LEU B 244 28.13 -9.08 -4.07
C LEU B 244 27.85 -10.55 -4.38
N GLN B 245 27.90 -11.36 -3.33
CA GLN B 245 27.42 -12.72 -3.41
C GLN B 245 25.92 -12.76 -3.21
N ALA B 246 25.25 -13.58 -3.99
CA ALA B 246 23.81 -13.82 -3.82
C ALA B 246 23.65 -14.78 -2.64
N LEU B 247 23.54 -14.19 -1.45
CA LEU B 247 23.46 -14.99 -0.23
C LEU B 247 22.26 -15.92 -0.20
N TRP B 248 21.15 -15.54 -0.84
CA TRP B 248 19.94 -16.34 -0.75
C TRP B 248 20.10 -17.70 -1.42
N MET B 249 21.07 -17.85 -2.33
CA MET B 249 21.32 -19.11 -3.02
CA MET B 249 21.31 -19.11 -3.01
C MET B 249 22.37 -19.97 -2.34
N MET B 250 22.92 -19.53 -1.21
CA MET B 250 24.00 -20.25 -0.56
C MET B 250 23.50 -21.03 0.65
N GLU B 251 24.34 -21.97 1.10
CA GLU B 251 24.01 -22.78 2.27
C GLU B 251 23.94 -21.91 3.52
N PRO B 252 22.88 -21.99 4.31
CA PRO B 252 22.77 -21.12 5.50
C PRO B 252 23.90 -21.28 6.49
N LYS B 253 24.55 -22.45 6.53
CA LYS B 253 25.62 -22.65 7.50
C LYS B 253 26.88 -21.89 7.10
N ASP B 254 27.10 -21.69 5.81
CA ASP B 254 28.25 -20.95 5.32
C ASP B 254 28.05 -19.43 5.38
N ILE B 255 26.99 -18.96 6.02
CA ILE B 255 26.68 -17.53 6.11
C ILE B 255 26.82 -17.13 7.57
N SER B 256 27.76 -16.24 7.86
CA SER B 256 27.95 -15.79 9.22
C SER B 256 26.94 -14.71 9.57
N GLU B 257 26.83 -14.42 10.87
CA GLU B 257 26.01 -13.29 11.29
C GLU B 257 26.53 -11.99 10.71
N TRP B 258 27.85 -11.85 10.58
CA TRP B 258 28.40 -10.64 9.96
C TRP B 258 27.99 -10.52 8.50
N GLN B 259 27.97 -11.64 7.76
CA GLN B 259 27.56 -11.59 6.36
C GLN B 259 26.08 -11.23 6.22
N HIS B 260 25.25 -11.66 7.18
CA HIS B 260 23.83 -11.31 7.12
C HIS B 260 23.63 -9.82 7.41
N GLU B 261 24.42 -9.27 8.33
CA GLU B 261 24.34 -7.84 8.63
C GLU B 261 24.67 -6.99 7.41
N GLU B 262 25.74 -7.36 6.70
CA GLU B 262 26.11 -6.62 5.50
C GLU B 262 25.03 -6.73 4.43
N PHE B 263 24.48 -7.94 4.23
CA PHE B 263 23.46 -8.14 3.21
C PHE B 263 22.17 -7.43 3.58
N TYR B 264 21.76 -7.51 4.86
CA TYR B 264 20.60 -6.77 5.32
C TYR B 264 20.74 -5.28 5.03
N ARG B 265 21.90 -4.69 5.35
CA ARG B 265 22.07 -3.26 5.13
C ARG B 265 21.99 -2.89 3.66
N TYR B 266 22.48 -3.76 2.77
CA TYR B 266 22.37 -3.49 1.34
C TYR B 266 20.92 -3.61 0.85
N VAL B 267 20.26 -4.73 1.13
CA VAL B 267 18.93 -4.96 0.55
C VAL B 267 17.88 -4.05 1.17
N ALA B 268 18.08 -3.64 2.42
CA ALA B 268 17.13 -2.77 3.11
C ALA B 268 17.56 -1.31 3.10
N GLN B 269 18.73 -1.01 2.55
CA GLN B 269 19.29 0.34 2.54
C GLN B 269 19.20 0.96 3.94
N ALA B 270 19.73 0.23 4.92
CA ALA B 270 19.65 0.61 6.32
C ALA B 270 21.06 0.70 6.90
N TYR B 271 21.12 1.23 8.12
CA TYR B 271 22.39 1.43 8.81
C TYR B 271 22.51 0.60 10.08
N ASP B 272 21.44 -0.10 10.48
CA ASP B 272 21.45 -0.89 11.70
C ASP B 272 21.82 -2.33 11.40
N LYS B 273 21.24 -3.27 12.12
CA LYS B 273 21.48 -4.69 11.93
C LYS B 273 20.17 -5.43 12.19
N PRO B 274 20.03 -6.64 11.64
CA PRO B 274 18.76 -7.36 11.82
C PRO B 274 18.67 -8.05 13.18
N ARG B 275 17.50 -7.98 13.79
CA ARG B 275 17.28 -8.70 15.03
C ARG B 275 16.84 -10.15 14.78
N TYR B 276 16.24 -10.43 13.63
CA TYR B 276 15.83 -11.77 13.23
C TYR B 276 16.26 -12.02 11.80
N THR B 277 16.68 -13.25 11.50
CA THR B 277 17.11 -13.65 10.17
C THR B 277 16.45 -14.99 9.83
N LEU B 278 15.68 -15.03 8.75
CA LEU B 278 15.05 -16.26 8.28
C LEU B 278 15.60 -16.56 6.90
N HIS B 279 16.35 -17.65 6.78
CA HIS B 279 16.87 -18.09 5.49
C HIS B 279 16.06 -19.33 5.12
N TYR B 280 15.12 -19.16 4.19
CA TYR B 280 14.16 -20.19 3.87
C TYR B 280 14.43 -20.74 2.47
N ARG B 281 14.68 -22.04 2.40
CA ARG B 281 14.85 -22.76 1.15
C ARG B 281 13.78 -23.83 1.04
N ALA B 282 13.29 -24.05 -0.17
CA ALA B 282 12.34 -25.13 -0.41
C ALA B 282 12.38 -25.50 -1.88
N ASP B 283 12.11 -26.77 -2.17
CA ASP B 283 12.02 -27.25 -3.54
C ASP B 283 10.65 -27.81 -3.90
N ALA B 284 9.85 -28.22 -2.91
CA ALA B 284 8.46 -28.64 -3.14
C ALA B 284 7.54 -27.94 -2.12
N PRO B 285 6.33 -27.54 -2.55
CA PRO B 285 5.79 -27.69 -3.92
C PRO B 285 6.37 -26.70 -4.92
N LEU B 286 7.07 -25.68 -4.42
CA LEU B 286 7.66 -24.66 -5.27
C LEU B 286 9.11 -24.43 -4.88
N ASN B 287 9.92 -24.12 -5.90
CA ASN B 287 11.29 -23.69 -5.64
C ASN B 287 11.27 -22.34 -4.94
N ILE B 288 11.97 -22.25 -3.81
CA ILE B 288 12.07 -21.02 -3.02
C ILE B 288 13.50 -20.88 -2.51
N ARG B 289 14.09 -19.72 -2.75
CA ARG B 289 15.37 -19.33 -2.18
C ARG B 289 15.20 -17.89 -1.68
N SER B 290 15.17 -17.71 -0.36
CA SER B 290 14.80 -16.42 0.19
C SER B 290 15.50 -16.18 1.51
N ILE B 291 15.63 -14.90 1.85
CA ILE B 291 16.12 -14.46 3.15
C ILE B 291 15.25 -13.30 3.60
N PHE B 292 14.75 -13.36 4.83
CA PHE B 292 13.95 -12.30 5.40
C PHE B 292 14.62 -11.76 6.65
N TYR B 293 14.51 -10.46 6.86
CA TYR B 293 15.10 -9.79 8.00
C TYR B 293 14.03 -8.99 8.74
N VAL B 294 14.14 -8.97 10.06
CA VAL B 294 13.38 -8.05 10.90
C VAL B 294 14.36 -7.01 11.43
N PRO B 295 14.17 -5.73 11.15
CA PRO B 295 15.12 -4.71 11.62
C PRO B 295 15.15 -4.63 13.15
N GLU B 296 16.32 -4.33 13.69
CA GLU B 296 16.41 -4.09 15.12
C GLU B 296 15.79 -2.74 15.49
N MET B 297 15.88 -1.76 14.60
CA MET B 297 15.18 -0.50 14.80
C MET B 297 13.67 -0.71 14.84
N LYS B 298 13.00 0.04 15.71
CA LYS B 298 11.56 0.04 15.74
C LYS B 298 11.01 0.67 14.45
N PRO B 299 9.84 0.25 14.00
CA PRO B 299 9.29 0.82 12.76
C PRO B 299 8.93 2.28 12.94
N SER B 300 9.27 3.08 11.93
CA SER B 300 8.92 4.50 11.95
C SER B 300 7.42 4.66 11.72
N MET B 301 6.74 5.34 12.65
CA MET B 301 5.31 5.53 12.53
C MET B 301 4.93 6.39 11.32
N PHE B 302 5.88 7.17 10.80
CA PHE B 302 5.62 7.93 9.57
C PHE B 302 5.59 7.01 8.36
N ASP B 303 6.48 6.01 8.32
CA ASP B 303 6.51 5.07 7.21
C ASP B 303 5.43 4.00 7.29
N VAL B 304 4.91 3.73 8.49
CA VAL B 304 3.84 2.74 8.63
C VAL B 304 2.57 3.22 7.94
N SER B 305 2.26 4.51 8.09
CA SER B 305 1.07 5.07 7.44
C SER B 305 1.22 5.10 5.92
N ARG B 306 2.45 5.20 5.42
CA ARG B 306 2.70 5.19 3.98
C ARG B 306 3.42 3.90 3.55
N SER B 311 8.99 -3.85 -0.24
CA SER B 311 9.85 -4.05 0.92
C SER B 311 10.86 -5.16 0.67
N VAL B 312 10.42 -6.20 -0.03
CA VAL B 312 11.24 -7.36 -0.36
C VAL B 312 11.49 -7.38 -1.85
N ALA B 313 12.73 -7.67 -2.23
CA ALA B 313 13.13 -7.70 -3.62
C ALA B 313 12.93 -9.10 -4.21
N LEU B 314 12.54 -9.15 -5.47
CA LEU B 314 12.33 -10.40 -6.20
C LEU B 314 13.43 -10.57 -7.24
N TYR B 315 14.04 -11.75 -7.28
CA TYR B 315 15.15 -12.00 -8.18
C TYR B 315 14.94 -13.26 -9.00
N SER B 316 15.70 -13.35 -10.08
CA SER B 316 15.70 -14.53 -10.94
C SER B 316 17.06 -14.62 -11.62
N ARG B 317 17.74 -15.75 -11.42
CA ARG B 317 19.08 -15.98 -11.96
C ARG B 317 20.02 -14.83 -11.62
N LYS B 318 19.84 -14.29 -10.42
CA LYS B 318 20.69 -13.22 -9.86
C LYS B 318 20.58 -11.91 -10.64
N ILE B 319 19.40 -11.62 -11.19
CA ILE B 319 19.09 -10.32 -11.80
C ILE B 319 17.81 -9.82 -11.16
N LEU B 320 17.81 -8.54 -10.76
CA LEU B 320 16.62 -7.94 -10.18
C LEU B 320 15.45 -7.96 -11.15
N ILE B 321 14.29 -8.39 -10.65
CA ILE B 321 13.02 -8.35 -11.38
C ILE B 321 11.93 -7.92 -10.40
N GLN B 322 11.31 -6.77 -10.66
CA GLN B 322 10.26 -6.27 -9.80
C GLN B 322 8.87 -6.39 -10.44
N ASP B 327 2.42 -8.10 -3.06
CA ASP B 327 2.54 -9.06 -4.15
C ASP B 327 3.09 -10.41 -3.67
N ILE B 328 4.33 -10.41 -3.20
CA ILE B 328 4.98 -11.66 -2.78
C ILE B 328 4.65 -11.99 -1.34
N LEU B 329 4.53 -10.98 -0.49
CA LEU B 329 4.23 -11.13 0.93
C LEU B 329 2.87 -10.52 1.25
N PRO B 330 2.17 -11.05 2.26
CA PRO B 330 0.95 -10.38 2.71
C PRO B 330 1.25 -8.97 3.20
N LYS B 331 0.23 -8.12 3.18
CA LYS B 331 0.39 -6.72 3.57
C LYS B 331 0.92 -6.60 4.99
N TRP B 332 0.47 -7.46 5.90
CA TRP B 332 0.87 -7.30 7.30
C TRP B 332 2.32 -7.68 7.55
N LEU B 333 2.99 -8.32 6.59
CA LEU B 333 4.39 -8.68 6.70
C LEU B 333 5.31 -7.72 5.95
N ARG B 334 4.83 -6.51 5.65
CA ARG B 334 5.65 -5.55 4.94
C ARG B 334 6.79 -5.02 5.78
N PHE B 335 6.79 -5.27 7.10
CA PHE B 335 7.93 -4.89 7.92
C PHE B 335 9.15 -5.76 7.65
N LEU B 336 8.98 -6.88 6.95
CA LEU B 336 10.12 -7.73 6.60
C LEU B 336 10.89 -7.14 5.43
N ARG B 337 12.22 -7.24 5.53
CA ARG B 337 13.12 -6.90 4.45
CA ARG B 337 13.12 -6.90 4.45
C ARG B 337 13.85 -8.16 4.01
N GLY B 338 14.29 -8.17 2.76
CA GLY B 338 15.06 -9.28 2.24
C GLY B 338 14.75 -9.54 0.77
N VAL B 339 14.97 -10.79 0.38
CA VAL B 339 14.97 -11.21 -1.02
C VAL B 339 14.18 -12.51 -1.15
N VAL B 340 13.42 -12.63 -2.25
CA VAL B 340 12.74 -13.87 -2.61
C VAL B 340 13.13 -14.23 -4.03
N ASP B 341 13.41 -15.51 -4.27
CA ASP B 341 13.82 -16.01 -5.57
C ASP B 341 13.16 -17.36 -5.79
N SER B 342 12.52 -17.53 -6.95
CA SER B 342 11.77 -18.75 -7.25
C SER B 342 11.87 -19.06 -8.73
N GLU B 343 12.45 -20.20 -9.07
CA GLU B 343 12.59 -20.61 -10.47
C GLU B 343 11.24 -20.96 -11.10
N ASP B 344 10.17 -21.06 -10.32
CA ASP B 344 8.86 -21.42 -10.83
C ASP B 344 8.02 -20.22 -11.24
N ILE B 345 8.58 -19.01 -11.17
CA ILE B 345 7.87 -17.80 -11.55
C ILE B 345 8.34 -17.42 -12.96
N PRO B 346 7.53 -17.63 -13.99
CA PRO B 346 7.96 -17.24 -15.34
C PRO B 346 7.94 -15.72 -15.50
N LEU B 347 8.91 -15.23 -16.26
CA LEU B 347 9.04 -13.81 -16.57
C LEU B 347 8.58 -13.55 -17.99
N ASN B 348 8.04 -12.35 -18.21
CA ASN B 348 7.62 -11.92 -19.52
C ASN B 348 8.84 -11.59 -20.39
N LEU B 349 8.58 -11.23 -21.64
CA LEU B 349 9.67 -11.02 -22.60
C LEU B 349 10.59 -9.89 -22.16
N SER B 350 10.03 -8.83 -21.58
CA SER B 350 10.82 -7.69 -21.14
C SER B 350 11.51 -7.92 -19.81
N ARG B 351 11.29 -9.07 -19.17
CA ARG B 351 11.92 -9.43 -17.91
C ARG B 351 11.56 -8.46 -16.80
N GLU B 352 10.29 -8.06 -16.75
CA GLU B 352 9.84 -7.18 -15.67
C GLU B 352 8.44 -7.50 -15.19
N LEU B 353 7.85 -8.63 -15.58
CA LEU B 353 6.52 -9.01 -15.16
C LEU B 353 6.50 -10.48 -14.76
N LEU B 354 5.65 -10.82 -13.81
CA LEU B 354 5.46 -12.18 -13.36
C LEU B 354 4.19 -12.75 -13.98
N GLN B 355 4.25 -13.99 -14.47
CA GLN B 355 3.20 -14.52 -15.35
C GLN B 355 2.19 -15.45 -14.68
N GLU B 356 2.50 -16.01 -13.51
CA GLU B 356 1.59 -16.98 -12.88
C GLU B 356 1.03 -16.38 -11.59
N SER B 357 -0.11 -15.70 -11.71
CA SER B 357 -0.71 -15.05 -10.55
C SER B 357 -1.23 -16.08 -9.54
N ALA B 358 -1.59 -17.27 -10.01
CA ALA B 358 -1.99 -18.33 -9.08
C ALA B 358 -0.80 -18.88 -8.30
N LEU B 359 0.38 -18.93 -8.92
CA LEU B 359 1.57 -19.40 -8.21
C LEU B 359 2.08 -18.36 -7.21
N ILE B 360 1.94 -17.08 -7.52
CA ILE B 360 2.34 -16.03 -6.59
C ILE B 360 1.45 -16.06 -5.35
N ARG B 361 0.15 -16.31 -5.54
CA ARG B 361 -0.73 -16.47 -4.40
C ARG B 361 -0.33 -17.68 -3.56
N LYS B 362 0.01 -18.78 -4.23
CA LYS B 362 0.45 -19.98 -3.53
C LYS B 362 1.79 -19.74 -2.85
N LEU B 363 2.70 -19.00 -3.50
CA LEU B 363 3.98 -18.68 -2.89
C LEU B 363 3.78 -17.81 -1.66
N ARG B 364 2.89 -16.82 -1.76
CA ARG B 364 2.64 -15.93 -0.62
C ARG B 364 2.09 -16.70 0.57
N ASP B 365 1.21 -17.68 0.33
CA ASP B 365 0.66 -18.47 1.45
C ASP B 365 1.74 -19.34 2.09
N VAL B 366 2.62 -19.93 1.27
CA VAL B 366 3.72 -20.72 1.81
C VAL B 366 4.64 -19.84 2.64
N LEU B 367 5.00 -18.66 2.11
CA LEU B 367 5.88 -17.76 2.86
C LEU B 367 5.22 -17.29 4.15
N GLN B 368 3.93 -16.97 4.09
CA GLN B 368 3.23 -16.51 5.28
C GLN B 368 3.27 -17.55 6.39
N GLN B 369 2.96 -18.81 6.06
CA GLN B 369 2.99 -19.86 7.06
CA GLN B 369 3.00 -19.87 7.05
C GLN B 369 4.41 -20.11 7.57
N ARG B 370 5.43 -19.96 6.70
CA ARG B 370 6.80 -20.17 7.15
C ARG B 370 7.26 -19.05 8.07
N VAL B 371 6.79 -17.82 7.86
CA VAL B 371 7.18 -16.74 8.76
C VAL B 371 6.50 -16.89 10.11
N ILE B 372 5.24 -17.31 10.12
CA ILE B 372 4.53 -17.55 11.37
C ILE B 372 5.23 -18.63 12.18
N ARG B 373 5.62 -19.73 11.53
CA ARG B 373 6.33 -20.79 12.21
C ARG B 373 7.68 -20.31 12.74
N PHE B 374 8.37 -19.49 11.95
CA PHE B 374 9.65 -18.93 12.38
C PHE B 374 9.48 -18.05 13.62
N LEU B 375 8.50 -17.14 13.59
CA LEU B 375 8.30 -16.24 14.71
C LEU B 375 7.90 -17.00 15.98
N LEU B 376 7.06 -18.03 15.84
CA LEU B 376 6.75 -18.87 16.99
C LEU B 376 7.99 -19.54 17.55
N ASP B 377 8.90 -19.99 16.66
CA ASP B 377 10.16 -20.57 17.12
C ASP B 377 11.02 -19.55 17.86
N GLN B 378 10.95 -18.27 17.47
CA GLN B 378 11.69 -17.25 18.21
C GLN B 378 11.11 -17.03 19.60
N SER B 379 9.79 -17.15 19.74
CA SER B 379 9.17 -16.98 21.05
C SER B 379 9.63 -18.06 22.02
N LYS B 380 9.73 -19.30 21.55
CA LYS B 380 10.13 -20.37 22.46
C LYS B 380 11.63 -20.35 22.75
N LYS B 381 12.45 -19.98 21.77
CA LYS B 381 13.89 -19.87 21.99
C LYS B 381 14.22 -18.77 22.99
N ASP B 382 13.89 -17.52 22.65
CA ASP B 382 14.18 -16.37 23.49
C ASP B 382 12.89 -15.57 23.67
N PRO B 383 12.11 -15.89 24.71
CA PRO B 383 10.85 -15.13 24.93
C PRO B 383 11.07 -13.71 25.37
N GLU B 384 12.21 -13.40 25.98
CA GLU B 384 12.50 -12.01 26.36
C GLU B 384 12.72 -11.16 25.12
N LYS B 385 13.49 -11.67 24.15
CA LYS B 385 13.73 -10.94 22.92
C LYS B 385 12.45 -10.84 22.08
N TYR B 386 11.65 -11.90 22.06
CA TYR B 386 10.38 -11.87 21.35
C TYR B 386 9.41 -10.89 21.99
N ALA B 387 9.49 -10.69 23.30
CA ALA B 387 8.64 -9.70 23.95
C ALA B 387 8.93 -8.30 23.42
N ARG B 388 10.21 -7.98 23.19
CA ARG B 388 10.52 -6.70 22.56
C ARG B 388 10.08 -6.66 21.10
N PHE B 389 10.14 -7.79 20.40
CA PHE B 389 9.67 -7.83 19.01
C PHE B 389 8.17 -7.58 18.96
N PHE B 390 7.40 -8.29 19.78
CA PHE B 390 5.96 -8.09 19.79
C PHE B 390 5.59 -6.68 20.24
N GLU B 391 6.42 -6.05 21.07
CA GLU B 391 6.15 -4.69 21.49
C GLU B 391 6.39 -3.69 20.35
N ASP B 392 7.36 -3.96 19.49
CA ASP B 392 7.70 -3.07 18.38
C ASP B 392 6.94 -3.37 17.10
N TYR B 393 6.56 -4.63 16.87
CA TYR B 393 5.91 -5.01 15.63
C TYR B 393 4.54 -5.65 15.82
N GLY B 394 4.06 -5.77 17.06
CA GLY B 394 2.78 -6.41 17.30
C GLY B 394 1.63 -5.80 16.54
N LEU B 395 1.73 -4.51 16.21
CA LEU B 395 0.67 -3.85 15.46
C LEU B 395 0.43 -4.50 14.11
N PHE B 396 1.46 -5.07 13.51
CA PHE B 396 1.28 -5.77 12.24
C PHE B 396 0.50 -7.07 12.43
N MET B 397 0.73 -7.78 13.54
CA MET B 397 -0.04 -8.99 13.80
C MET B 397 -1.52 -8.67 13.94
N ARG B 398 -1.84 -7.53 14.57
CA ARG B 398 -3.22 -7.15 14.77
C ARG B 398 -3.87 -6.69 13.47
N GLU B 399 -3.14 -5.91 12.67
CA GLU B 399 -3.64 -5.54 11.35
C GLU B 399 -3.95 -6.77 10.51
N GLY B 400 -3.01 -7.73 10.47
CA GLY B 400 -3.24 -8.93 9.68
C GLY B 400 -4.48 -9.71 10.11
N ILE B 401 -4.75 -9.75 11.41
CA ILE B 401 -5.93 -10.45 11.91
C ILE B 401 -7.21 -9.72 11.52
N VAL B 402 -7.19 -8.38 11.57
CA VAL B 402 -8.40 -7.61 11.29
C VAL B 402 -8.74 -7.64 9.80
N THR B 403 -7.72 -7.55 8.93
CA THR B 403 -7.97 -7.39 7.51
C THR B 403 -8.15 -8.71 6.77
N THR B 404 -7.95 -9.85 7.42
CA THR B 404 -8.06 -11.15 6.77
C THR B 404 -9.48 -11.67 6.89
N GLY B 405 -9.95 -12.33 5.83
CA GLY B 405 -11.26 -12.95 5.86
C GLY B 405 -11.25 -14.41 6.26
N GLU B 406 -10.10 -15.07 6.08
CA GLU B 406 -9.96 -16.49 6.38
C GLU B 406 -9.78 -16.70 7.88
N GLN B 407 -10.68 -17.48 8.49
CA GLN B 407 -10.61 -17.70 9.93
C GLN B 407 -9.32 -18.43 10.32
N SER B 408 -8.89 -19.38 9.51
CA SER B 408 -7.68 -20.15 9.84
C SER B 408 -6.44 -19.26 9.79
N VAL B 409 -6.43 -18.25 8.91
CA VAL B 409 -5.31 -17.32 8.89
C VAL B 409 -5.38 -16.36 10.09
N LYS B 410 -6.59 -15.96 10.50
CA LYS B 410 -6.73 -15.16 11.71
C LYS B 410 -6.12 -15.87 12.90
N GLU B 411 -6.46 -17.15 13.07
CA GLU B 411 -5.98 -17.92 14.21
C GLU B 411 -4.49 -18.23 14.10
N ASP B 412 -3.98 -18.42 12.89
CA ASP B 412 -2.55 -18.63 12.73
C ASP B 412 -1.75 -17.43 13.21
N ILE B 413 -2.18 -16.23 12.83
CA ILE B 413 -1.50 -15.02 13.27
C ILE B 413 -1.72 -14.80 14.76
N ALA B 414 -2.92 -15.11 15.25
CA ALA B 414 -3.24 -14.92 16.66
C ALA B 414 -2.31 -15.74 17.56
N LYS B 415 -1.68 -16.79 17.04
CA LYS B 415 -0.71 -17.53 17.84
C LYS B 415 0.51 -16.68 18.19
N LEU B 416 0.75 -15.60 17.44
CA LEU B 416 1.86 -14.70 17.72
C LEU B 416 1.55 -13.73 18.84
N LEU B 417 0.28 -13.50 19.15
CA LEU B 417 -0.12 -12.53 20.17
C LEU B 417 0.31 -12.99 21.57
N ARG B 418 0.59 -12.02 22.43
CA ARG B 418 1.00 -12.29 23.80
C ARG B 418 0.20 -11.42 24.76
N PHE B 419 -0.25 -12.01 25.86
CA PHE B 419 -1.02 -11.31 26.87
C PHE B 419 -0.52 -11.75 28.24
N GLU B 420 -1.10 -11.16 29.28
CA GLU B 420 -0.90 -11.64 30.64
C GLU B 420 -2.16 -12.35 31.10
N SER B 421 -2.07 -12.97 32.28
CA SER B 421 -3.14 -13.84 32.76
C SER B 421 -3.42 -13.55 34.22
N SER B 422 -4.64 -13.85 34.64
CA SER B 422 -5.02 -13.81 36.04
C SER B 422 -4.55 -15.04 36.80
N ALA B 423 -4.09 -16.07 36.10
CA ALA B 423 -3.60 -17.29 36.72
C ALA B 423 -2.09 -17.37 36.77
N LEU B 424 -1.41 -16.32 36.32
CA LEU B 424 0.04 -16.24 36.26
C LEU B 424 0.52 -15.00 37.00
N PRO B 425 1.76 -15.00 37.49
CA PRO B 425 2.28 -13.79 38.13
C PRO B 425 2.34 -12.63 37.15
N ALA B 426 2.29 -11.42 37.72
CA ALA B 426 2.35 -10.21 36.91
C ALA B 426 3.66 -10.16 36.14
N GLY B 427 3.58 -9.71 34.89
CA GLY B 427 4.72 -9.61 34.01
C GLY B 427 4.98 -10.83 33.17
N GLN B 428 4.44 -12.00 33.55
CA GLN B 428 4.69 -13.22 32.80
C GLN B 428 3.70 -13.32 31.66
N GLN B 429 4.23 -13.28 30.44
CA GLN B 429 3.38 -13.32 29.26
C GLN B 429 2.93 -14.74 28.96
N THR B 430 1.74 -14.85 28.36
CA THR B 430 1.16 -16.12 27.94
C THR B 430 0.56 -15.94 26.56
N SER B 431 -0.05 -17.01 26.04
CA SER B 431 -0.62 -17.01 24.71
C SER B 431 -2.00 -17.66 24.75
N LEU B 432 -2.69 -17.59 23.60
CA LEU B 432 -4.01 -18.20 23.50
C LEU B 432 -3.91 -19.72 23.54
N MET B 433 -2.85 -20.28 22.96
CA MET B 433 -2.65 -21.73 23.02
C MET B 433 -2.34 -22.18 24.43
N GLU B 434 -1.59 -21.39 25.19
CA GLU B 434 -1.31 -21.75 26.58
C GLU B 434 -2.55 -21.60 27.44
N TYR B 435 -3.38 -20.61 27.14
CA TYR B 435 -4.67 -20.47 27.82
C TYR B 435 -5.58 -21.67 27.52
N SER B 436 -5.62 -22.10 26.26
CA SER B 436 -6.50 -23.21 25.90
C SER B 436 -6.09 -24.49 26.62
N SER B 437 -4.79 -24.73 26.76
CA SER B 437 -4.34 -25.97 27.39
C SER B 437 -4.61 -26.01 28.89
N ARG B 438 -4.94 -24.87 29.51
CA ARG B 438 -5.33 -24.86 30.91
C ARG B 438 -6.83 -24.99 31.13
N MET B 439 -7.63 -24.87 30.07
CA MET B 439 -9.08 -24.91 30.22
C MET B 439 -9.54 -26.30 30.64
N LYS B 440 -10.51 -26.33 31.55
CA LYS B 440 -11.11 -27.59 31.96
C LYS B 440 -11.94 -28.18 30.84
N ALA B 441 -12.38 -29.42 31.03
CA ALA B 441 -13.14 -30.11 30.00
C ALA B 441 -14.51 -29.46 29.79
N GLY B 442 -15.13 -28.95 30.85
CA GLY B 442 -16.45 -28.38 30.80
C GLY B 442 -16.53 -26.94 30.37
N THR B 443 -15.43 -26.32 29.97
CA THR B 443 -15.42 -24.93 29.56
C THR B 443 -15.31 -24.82 28.04
N ARG B 444 -15.96 -23.80 27.48
CA ARG B 444 -15.99 -23.62 26.03
C ARG B 444 -15.75 -22.16 25.62
N ASN B 445 -15.23 -21.33 26.51
CA ASN B 445 -15.04 -19.91 26.23
C ASN B 445 -13.67 -19.46 26.73
N ILE B 446 -13.12 -18.47 26.04
CA ILE B 446 -11.87 -17.82 26.42
C ILE B 446 -12.21 -16.41 26.88
N TYR B 447 -11.97 -16.13 28.15
CA TYR B 447 -12.34 -14.85 28.74
C TYR B 447 -11.15 -13.90 28.73
N TYR B 448 -11.41 -12.64 28.37
CA TYR B 448 -10.34 -11.65 28.38
C TYR B 448 -10.84 -10.34 28.99
N LEU B 449 -9.88 -9.49 29.35
CA LEU B 449 -10.15 -8.18 29.91
C LEU B 449 -9.11 -7.21 29.39
N CYS B 450 -9.55 -6.07 28.88
CA CYS B 450 -8.67 -5.06 28.29
C CYS B 450 -8.57 -3.86 29.23
N ALA B 451 -7.35 -3.58 29.67
CA ALA B 451 -7.03 -2.52 30.61
C ALA B 451 -5.66 -1.97 30.25
N PRO B 452 -5.37 -0.72 30.63
CA PRO B 452 -4.08 -0.12 30.25
C PRO B 452 -2.86 -0.83 30.81
N ASN B 453 -2.91 -1.31 32.05
CA ASN B 453 -1.74 -1.93 32.67
C ASN B 453 -2.20 -3.08 33.56
N ARG B 454 -1.22 -3.78 34.14
CA ARG B 454 -1.51 -4.97 34.93
C ARG B 454 -2.28 -4.62 36.20
N HIS B 455 -1.90 -3.53 36.87
CA HIS B 455 -2.56 -3.17 38.11
C HIS B 455 -4.04 -2.86 37.89
N LEU B 456 -4.36 -2.09 36.86
CA LEU B 456 -5.76 -1.76 36.59
C LEU B 456 -6.55 -3.01 36.23
N ALA B 457 -5.89 -4.01 35.66
CA ALA B 457 -6.59 -5.25 35.31
C ALA B 457 -6.93 -6.06 36.56
N GLU B 458 -5.93 -6.26 37.43
CA GLU B 458 -6.16 -7.06 38.65
C GLU B 458 -7.20 -6.43 39.57
N HIS B 459 -7.27 -5.10 39.65
CA HIS B 459 -8.16 -4.42 40.57
C HIS B 459 -9.36 -3.80 39.86
N SER B 460 -9.63 -4.24 38.63
CA SER B 460 -10.77 -3.78 37.87
C SER B 460 -12.08 -4.21 38.52
N PRO B 461 -13.11 -3.36 38.44
CA PRO B 461 -14.44 -3.82 38.89
C PRO B 461 -14.96 -5.00 38.09
N TYR B 462 -14.57 -5.12 36.82
CA TYR B 462 -15.03 -6.22 35.99
C TYR B 462 -14.29 -7.52 36.29
N PHE B 463 -13.08 -7.45 36.84
CA PHE B 463 -12.40 -8.66 37.27
C PHE B 463 -12.85 -9.08 38.66
N GLU B 464 -13.33 -8.14 39.49
CA GLU B 464 -13.90 -8.52 40.78
C GLU B 464 -15.14 -9.38 40.59
N ALA B 465 -15.96 -9.07 39.58
CA ALA B 465 -17.12 -9.90 39.30
C ALA B 465 -16.71 -11.24 38.71
N MET B 466 -15.58 -11.30 38.00
CA MET B 466 -15.11 -12.55 37.42
C MET B 466 -14.43 -13.45 38.45
N LYS B 467 -13.88 -12.86 39.53
CA LYS B 467 -13.29 -13.67 40.59
C LYS B 467 -14.33 -14.54 41.27
N GLN B 468 -15.60 -14.15 41.24
CA GLN B 468 -16.65 -15.01 41.77
C GLN B 468 -16.77 -16.29 40.97
N LYS B 469 -16.42 -16.25 39.68
CA LYS B 469 -16.29 -17.45 38.88
C LYS B 469 -14.86 -17.98 39.00
N ASP B 470 -14.63 -19.17 38.44
CA ASP B 470 -13.31 -19.77 38.52
C ASP B 470 -12.74 -20.01 37.14
N MET B 471 -12.79 -18.98 36.30
CA MET B 471 -12.25 -19.03 34.95
C MET B 471 -11.02 -18.14 34.85
N GLU B 472 -10.04 -18.59 34.07
CA GLU B 472 -8.87 -17.76 33.80
C GLU B 472 -9.25 -16.61 32.86
N VAL B 473 -8.64 -15.45 33.07
CA VAL B 473 -8.93 -14.26 32.29
C VAL B 473 -7.62 -13.72 31.71
N LEU B 474 -7.56 -13.59 30.39
CA LEU B 474 -6.42 -12.95 29.76
C LEU B 474 -6.44 -11.45 30.02
N PHE B 475 -5.27 -10.89 30.26
CA PHE B 475 -5.10 -9.46 30.49
C PHE B 475 -4.41 -8.85 29.28
N CYS B 476 -5.10 -7.93 28.62
CA CYS B 476 -4.65 -7.34 27.36
C CYS B 476 -4.44 -5.84 27.57
N PHE B 477 -3.20 -5.38 27.35
CA PHE B 477 -2.81 -4.01 27.64
C PHE B 477 -2.70 -3.11 26.43
N GLU B 478 -2.48 -3.66 25.24
CA GLU B 478 -2.28 -2.82 24.06
C GLU B 478 -3.59 -2.16 23.63
N GLN B 479 -3.46 -1.01 22.98
CA GLN B 479 -4.61 -0.16 22.66
C GLN B 479 -5.60 -0.85 21.73
N PHE B 480 -5.11 -1.60 20.75
CA PHE B 480 -5.97 -2.25 19.76
C PHE B 480 -6.16 -3.74 20.03
N ASP B 481 -5.93 -4.21 21.26
CA ASP B 481 -6.12 -5.63 21.56
C ASP B 481 -7.59 -6.01 21.51
N GLU B 482 -8.49 -5.13 21.95
CA GLU B 482 -9.90 -5.48 22.00
C GLU B 482 -10.48 -5.57 20.60
N LEU B 483 -10.16 -4.59 19.74
CA LEU B 483 -10.56 -4.68 18.34
C LEU B 483 -10.07 -5.96 17.69
N THR B 484 -8.84 -6.38 18.01
CA THR B 484 -8.29 -7.58 17.41
C THR B 484 -9.06 -8.82 17.83
N LEU B 485 -9.29 -8.97 19.14
CA LEU B 485 -10.04 -10.12 19.63
C LEU B 485 -11.50 -10.09 19.16
N LEU B 486 -12.09 -8.92 18.98
CA LEU B 486 -13.44 -8.86 18.43
C LEU B 486 -13.47 -9.41 17.01
N HIS B 487 -12.48 -9.06 16.19
CA HIS B 487 -12.41 -9.61 14.84
C HIS B 487 -12.02 -11.09 14.85
N LEU B 488 -11.22 -11.52 15.83
CA LEU B 488 -10.83 -12.92 15.90
C LEU B 488 -12.02 -13.80 16.26
N ARG B 489 -12.84 -13.36 17.22
CA ARG B 489 -14.14 -13.95 17.55
C ARG B 489 -13.99 -15.32 18.22
N GLU B 490 -13.23 -16.22 17.62
CA GLU B 490 -12.99 -17.52 18.21
C GLU B 490 -11.54 -17.93 17.98
N PHE B 491 -11.10 -18.87 18.80
CA PHE B 491 -9.79 -19.48 18.67
C PHE B 491 -9.92 -20.94 19.09
N ASP B 492 -9.48 -21.84 18.21
CA ASP B 492 -9.55 -23.29 18.45
C ASP B 492 -10.99 -23.71 18.79
N ARG B 493 -11.95 -23.20 18.03
CA ARG B 493 -13.37 -23.49 18.19
C ARG B 493 -13.92 -23.04 19.54
N LYS B 494 -13.20 -22.16 20.23
CA LYS B 494 -13.63 -21.65 21.53
C LYS B 494 -13.93 -20.15 21.39
N LYS B 495 -15.10 -19.75 21.87
CA LYS B 495 -15.56 -18.38 21.70
C LYS B 495 -14.83 -17.44 22.65
N LEU B 496 -14.35 -16.33 22.10
CA LEU B 496 -13.79 -15.25 22.90
C LEU B 496 -14.91 -14.38 23.44
N ILE B 497 -14.87 -14.10 24.75
CA ILE B 497 -15.89 -13.28 25.39
C ILE B 497 -15.21 -12.41 26.44
N SER B 498 -15.45 -11.10 26.36
CA SER B 498 -14.84 -10.17 27.31
C SER B 498 -15.53 -10.28 28.67
N ALA B 499 -14.78 -9.89 29.72
CA ALA B 499 -15.35 -9.92 31.06
C ALA B 499 -16.58 -9.02 31.16
N GLU B 500 -16.54 -7.84 30.52
CA GLU B 500 -17.68 -6.92 30.59
C GLU B 500 -18.93 -7.54 29.95
N THR B 501 -18.77 -8.21 28.80
CA THR B 501 -19.90 -8.87 28.16
C THR B 501 -20.46 -9.99 29.05
N ASP B 502 -19.58 -10.83 29.60
CA ASP B 502 -20.05 -11.96 30.40
C ASP B 502 -20.80 -11.49 31.64
N ILE B 503 -20.45 -10.34 32.19
CA ILE B 503 -21.17 -9.81 33.35
C ILE B 503 -22.61 -9.49 32.97
N VAL B 504 -22.82 -8.99 31.75
CA VAL B 504 -24.17 -8.62 31.34
C VAL B 504 -24.98 -9.87 31.00
N VAL B 505 -24.37 -10.87 30.36
CA VAL B 505 -25.12 -12.08 30.02
C VAL B 505 -25.49 -12.85 31.29
N ASP B 506 -24.76 -12.68 32.39
CA ASP B 506 -25.14 -13.32 33.64
C ASP B 506 -26.43 -12.74 34.21
N HIS B 507 -26.77 -11.48 33.88
CA HIS B 507 -28.04 -10.92 34.34
C HIS B 507 -29.23 -11.71 33.81
N TYR B 508 -29.12 -12.25 32.59
CA TYR B 508 -30.19 -13.01 31.96
C TYR B 508 -30.05 -14.51 32.20
N LYS B 509 -29.24 -14.90 33.19
CA LYS B 509 -29.13 -16.29 33.62
C LYS B 509 -29.54 -16.43 35.09
N GLU B 510 -28.67 -17.03 35.91
CA GLU B 510 -28.98 -17.29 37.31
C GLU B 510 -28.25 -16.31 38.22
N GLU B 511 -28.92 -15.92 39.31
CA GLU B 511 -28.34 -15.03 40.32
C GLU B 511 -27.55 -15.87 41.31
N LYS B 512 -26.47 -16.45 40.79
CA LYS B 512 -25.61 -17.34 41.56
C LYS B 512 -24.40 -16.61 42.11
N PHE B 513 -24.62 -15.43 42.68
CA PHE B 513 -23.55 -14.59 43.20
C PHE B 513 -23.88 -14.07 44.58
N GLN B 514 -22.88 -14.09 45.46
CA GLN B 514 -22.99 -13.63 46.83
C GLN B 514 -22.16 -12.37 47.03
N ASP B 515 -22.67 -11.47 47.87
CA ASP B 515 -21.96 -10.23 48.17
C ASP B 515 -20.68 -10.52 48.94
N SER B 516 -19.66 -9.69 48.70
CA SER B 516 -18.39 -9.87 49.40
C SER B 516 -18.46 -9.44 50.86
N LYS B 517 -19.48 -8.67 51.24
CA LYS B 517 -19.67 -8.24 52.61
C LYS B 517 -20.99 -8.78 53.15
N PRO B 518 -21.08 -9.04 54.46
CA PRO B 518 -22.33 -9.55 55.02
C PRO B 518 -23.47 -8.54 54.88
N ALA B 519 -24.69 -9.05 55.00
CA ALA B 519 -25.88 -8.22 54.83
C ALA B 519 -25.96 -7.09 55.85
N SER B 520 -25.24 -7.22 56.98
CA SER B 520 -25.27 -6.18 57.99
C SER B 520 -24.53 -4.92 57.56
N GLU B 521 -23.64 -5.03 56.57
CA GLU B 521 -22.87 -3.90 56.09
C GLU B 521 -23.39 -3.34 54.75
N ARG B 522 -24.53 -3.85 54.28
CA ARG B 522 -25.17 -3.34 53.07
C ARG B 522 -26.51 -2.72 53.43
N LEU B 523 -26.98 -1.85 52.54
CA LEU B 523 -28.31 -1.27 52.69
C LEU B 523 -29.37 -2.37 52.65
N SER B 524 -30.45 -2.16 53.39
CA SER B 524 -31.57 -3.09 53.30
C SER B 524 -32.27 -2.94 51.97
N SER B 525 -33.15 -3.90 51.66
CA SER B 525 -33.91 -3.83 50.43
C SER B 525 -34.82 -2.61 50.40
N GLU B 526 -35.30 -2.16 51.56
CA GLU B 526 -36.09 -0.93 51.61
C GLU B 526 -35.23 0.30 51.35
N GLN B 527 -33.99 0.29 51.86
CA GLN B 527 -33.10 1.45 51.71
C GLN B 527 -32.50 1.50 50.31
N ALA B 528 -32.13 0.34 49.76
CA ALA B 528 -31.54 0.32 48.43
C ALA B 528 -32.56 0.74 47.37
N GLU B 529 -33.77 0.17 47.42
CA GLU B 529 -34.79 0.53 46.46
C GLU B 529 -35.20 2.00 46.59
N ASP B 530 -35.18 2.53 47.82
CA ASP B 530 -35.42 3.96 47.99
C ASP B 530 -34.30 4.78 47.36
N LEU B 531 -33.05 4.29 47.41
CA LEU B 531 -31.95 5.00 46.78
C LEU B 531 -32.00 4.88 45.25
N LEU B 532 -32.29 3.66 44.76
CA LEU B 532 -32.37 3.46 43.32
C LEU B 532 -33.44 4.35 42.69
N ALA B 533 -34.54 4.58 43.41
CA ALA B 533 -35.60 5.42 42.87
C ALA B 533 -35.15 6.86 42.74
N TRP B 534 -34.34 7.33 43.69
CA TRP B 534 -33.81 8.68 43.61
C TRP B 534 -32.77 8.80 42.50
N MET B 535 -31.97 7.76 42.29
CA MET B 535 -30.96 7.81 41.25
C MET B 535 -31.58 7.87 39.86
N ARG B 536 -32.65 7.10 39.63
CA ARG B 536 -33.30 7.12 38.33
C ARG B 536 -33.89 8.49 38.02
N ASN B 537 -34.30 9.24 39.04
CA ASN B 537 -34.81 10.59 38.82
C ASN B 537 -33.69 11.56 38.49
N ALA B 538 -32.53 11.42 39.14
CA ALA B 538 -31.41 12.33 38.89
C ALA B 538 -30.63 11.98 37.63
N LEU B 539 -30.83 10.78 37.06
CA LEU B 539 -30.11 10.33 35.86
C LEU B 539 -31.14 9.75 34.88
N VAL B 540 -32.02 10.60 34.37
CA VAL B 540 -33.11 10.15 33.50
C VAL B 540 -32.55 9.68 32.16
N GLN B 541 -32.20 10.63 31.29
CA GLN B 541 -31.77 10.29 29.95
C GLN B 541 -30.31 9.89 29.84
N ARG B 542 -29.59 9.79 30.96
CA ARG B 542 -28.18 9.42 30.94
C ARG B 542 -27.95 7.93 31.03
N VAL B 543 -28.81 7.19 31.73
CA VAL B 543 -28.67 5.75 31.90
C VAL B 543 -29.99 5.07 31.56
N THR B 544 -29.89 3.82 31.09
CA THR B 544 -31.09 3.04 30.84
C THR B 544 -31.64 2.45 32.14
N ASN B 545 -30.87 1.58 32.78
CA ASN B 545 -31.27 0.94 34.02
C ASN B 545 -30.26 1.24 35.11
N ILE B 546 -30.75 1.31 36.34
CA ILE B 546 -29.91 1.36 37.53
C ILE B 546 -30.32 0.18 38.41
N LYS B 547 -29.34 -0.63 38.80
CA LYS B 547 -29.62 -1.81 39.62
C LYS B 547 -28.52 -1.99 40.64
N VAL B 548 -28.83 -2.77 41.68
CA VAL B 548 -27.84 -3.15 42.68
C VAL B 548 -27.16 -4.44 42.23
N THR B 549 -25.84 -4.51 42.38
CA THR B 549 -25.13 -5.72 42.01
C THR B 549 -24.42 -6.33 43.23
N PRO B 550 -24.43 -7.65 43.35
CA PRO B 550 -23.71 -8.29 44.46
C PRO B 550 -22.32 -8.75 44.05
N ARG B 551 -21.81 -8.22 42.95
CA ARG B 551 -20.56 -8.70 42.36
C ARG B 551 -19.39 -7.76 42.55
N LEU B 552 -19.58 -6.63 43.24
CA LEU B 552 -18.51 -5.66 43.47
C LEU B 552 -18.05 -5.71 44.93
N ASP B 553 -16.85 -5.19 45.15
CA ASP B 553 -16.28 -5.14 46.49
C ASP B 553 -15.60 -3.80 46.76
N THR B 554 -14.50 -3.54 46.06
CA THR B 554 -13.75 -2.31 46.27
C THR B 554 -14.40 -1.12 45.58
N HIS B 555 -15.01 -1.33 44.44
CA HIS B 555 -15.55 -0.20 43.70
C HIS B 555 -17.01 0.04 44.08
N PRO B 556 -17.44 1.30 44.10
CA PRO B 556 -18.82 1.61 44.48
C PRO B 556 -19.83 1.31 43.39
N ALA B 557 -19.40 1.32 42.12
CA ALA B 557 -20.32 1.17 41.02
C ALA B 557 -19.54 0.81 39.76
N MET B 558 -20.28 0.44 38.72
CA MET B 558 -19.69 0.20 37.42
C MET B 558 -20.77 0.37 36.35
N ILE B 559 -20.30 0.58 35.12
CA ILE B 559 -21.17 0.71 33.95
C ILE B 559 -21.04 -0.58 33.14
N THR B 560 -22.17 -1.17 32.76
CA THR B 560 -22.18 -2.40 31.98
C THR B 560 -22.90 -2.17 30.66
N VAL B 561 -22.29 -2.62 29.58
CA VAL B 561 -22.87 -2.63 28.25
C VAL B 561 -22.64 -4.02 27.68
N LEU B 562 -23.68 -4.63 27.10
CA LEU B 562 -23.54 -5.96 26.52
C LEU B 562 -22.41 -6.02 25.51
N GLU B 563 -22.42 -5.10 24.56
CA GLU B 563 -21.38 -5.04 23.53
C GLU B 563 -20.38 -3.93 23.88
N MET B 564 -19.69 -4.17 25.00
CA MET B 564 -18.78 -3.16 25.54
C MET B 564 -17.61 -2.90 24.59
N GLY B 565 -16.99 -3.95 24.06
CA GLY B 565 -15.89 -3.77 23.13
C GLY B 565 -16.30 -2.95 21.91
N ALA B 566 -17.49 -3.21 21.37
CA ALA B 566 -17.92 -2.45 20.20
C ALA B 566 -18.27 -1.01 20.56
N ALA B 567 -18.66 -0.76 21.82
CA ALA B 567 -18.95 0.61 22.24
C ALA B 567 -17.66 1.40 22.44
N ARG B 568 -16.63 0.78 23.03
CA ARG B 568 -15.34 1.46 23.19
C ARG B 568 -14.71 1.77 21.84
N HIS B 569 -14.88 0.91 20.85
CA HIS B 569 -14.30 1.15 19.53
C HIS B 569 -15.09 2.22 18.77
N PHE B 570 -16.42 2.20 18.89
CA PHE B 570 -17.25 3.22 18.27
C PHE B 570 -16.94 4.60 18.85
N LEU B 571 -16.59 4.66 20.14
CA LEU B 571 -16.24 5.93 20.77
C LEU B 571 -15.00 6.56 20.14
N ARG B 572 -14.18 5.78 19.44
CA ARG B 572 -13.05 6.31 18.70
C ARG B 572 -13.56 6.97 17.41
N THR B 573 -14.13 8.17 17.57
CA THR B 573 -14.72 8.91 16.46
C THR B 573 -14.55 10.42 16.66
N ILE B 586 -24.13 8.38 25.21
CA ILE B 586 -25.42 8.64 24.60
C ILE B 586 -26.08 7.32 24.20
N LEU B 587 -25.42 6.21 24.55
CA LEU B 587 -25.95 4.88 24.25
C LEU B 587 -26.95 4.45 25.32
N GLN B 588 -27.03 3.13 25.57
CA GLN B 588 -27.94 2.57 26.56
C GLN B 588 -27.14 1.85 27.64
N PRO B 589 -26.49 2.58 28.53
CA PRO B 589 -25.70 1.95 29.60
C PRO B 589 -26.55 1.58 30.79
N THR B 590 -26.00 0.67 31.59
CA THR B 590 -26.59 0.25 32.86
C THR B 590 -25.60 0.58 33.97
N LEU B 591 -26.10 1.23 35.03
CA LEU B 591 -25.29 1.57 36.19
C LEU B 591 -25.61 0.57 37.30
N GLU B 592 -24.59 -0.19 37.71
CA GLU B 592 -24.76 -1.19 38.77
C GLU B 592 -24.00 -0.72 40.01
N ILE B 593 -24.71 -0.65 41.13
CA ILE B 593 -24.18 -0.03 42.35
C ILE B 593 -23.85 -1.12 43.38
N ASN B 594 -22.95 -0.76 44.28
CA ASN B 594 -22.49 -1.62 45.39
C ASN B 594 -23.07 -1.05 46.68
N THR B 595 -24.17 -1.66 47.16
CA THR B 595 -24.81 -1.18 48.38
C THR B 595 -23.98 -1.46 49.63
N GLY B 596 -22.95 -2.29 49.54
CA GLY B 596 -22.03 -2.49 50.64
C GLY B 596 -20.90 -1.50 50.70
N HIS B 597 -20.79 -0.60 49.73
CA HIS B 597 -19.68 0.35 49.65
C HIS B 597 -20.02 1.60 50.47
N ASP B 598 -19.03 2.09 51.22
CA ASP B 598 -19.27 3.21 52.12
C ASP B 598 -19.68 4.46 51.36
N LEU B 599 -19.17 4.65 50.14
CA LEU B 599 -19.52 5.85 49.38
C LEU B 599 -20.97 5.78 48.90
N ILE B 600 -21.42 4.61 48.49
CA ILE B 600 -22.84 4.42 48.19
C ILE B 600 -23.66 4.54 49.47
N LYS B 601 -23.17 3.99 50.57
CA LYS B 601 -23.86 4.12 51.85
C LYS B 601 -24.00 5.59 52.23
N LYS B 602 -22.97 6.39 51.97
CA LYS B 602 -23.05 7.82 52.26
C LYS B 602 -23.99 8.53 51.29
N LEU B 603 -24.09 8.03 50.05
CA LEU B 603 -24.99 8.64 49.08
C LEU B 603 -26.45 8.53 49.52
N HIS B 604 -26.81 7.38 50.12
CA HIS B 604 -28.18 7.21 50.62
C HIS B 604 -28.48 8.19 51.74
N ALA B 605 -27.49 8.50 52.57
CA ALA B 605 -27.70 9.47 53.66
C ALA B 605 -27.68 10.90 53.15
N LEU B 606 -26.93 11.16 52.08
CA LEU B 606 -26.78 12.52 51.61
C LEU B 606 -28.04 13.01 50.90
N LYS B 607 -28.79 12.11 50.23
CA LYS B 607 -29.97 12.54 49.49
C LYS B 607 -31.04 13.13 50.42
N ASP B 608 -30.94 12.87 51.72
CA ASP B 608 -31.79 13.52 52.71
C ASP B 608 -31.05 14.56 53.54
N SER B 609 -29.76 14.34 53.81
CA SER B 609 -28.94 15.29 54.56
C SER B 609 -28.67 16.55 53.75
N ASN B 610 -27.89 16.42 52.68
CA ASN B 610 -27.56 17.53 51.78
C ASN B 610 -27.98 17.13 50.38
N PRO B 611 -29.25 17.35 50.01
CA PRO B 611 -29.74 16.83 48.72
C PRO B 611 -29.00 17.40 47.51
N GLU B 612 -28.57 18.66 47.57
CA GLU B 612 -27.82 19.23 46.45
C GLU B 612 -26.44 18.61 46.34
N LEU B 613 -25.76 18.37 47.47
CA LEU B 613 -24.48 17.71 47.44
C LEU B 613 -24.61 16.26 46.98
N ALA B 614 -25.74 15.62 47.28
CA ALA B 614 -25.94 14.23 46.90
C ALA B 614 -26.04 14.09 45.38
N GLN B 615 -26.73 15.02 44.71
CA GLN B 615 -26.80 14.97 43.25
C GLN B 615 -25.44 15.26 42.63
N LEU B 616 -24.70 16.22 43.19
CA LEU B 616 -23.34 16.46 42.74
C LEU B 616 -22.47 15.20 42.87
N LEU B 617 -22.62 14.47 43.98
CA LEU B 617 -21.85 13.24 44.17
C LEU B 617 -22.31 12.15 43.20
N LEU B 618 -23.62 12.02 42.99
CA LEU B 618 -24.13 11.00 42.08
C LEU B 618 -23.60 11.22 40.67
N GLU B 619 -23.48 12.47 40.23
CA GLU B 619 -22.92 12.75 38.92
C GLU B 619 -21.47 12.31 38.83
N GLN B 620 -20.70 12.49 39.91
CA GLN B 620 -19.29 12.09 39.87
C GLN B 620 -19.14 10.57 39.93
N ILE B 621 -20.01 9.89 40.68
CA ILE B 621 -20.00 8.42 40.69
C ILE B 621 -20.30 7.87 39.30
N TYR B 622 -21.24 8.50 38.60
CA TYR B 622 -21.55 8.09 37.23
C TYR B 622 -20.37 8.34 36.31
N ASP B 623 -19.73 9.50 36.43
CA ASP B 623 -18.60 9.83 35.57
C ASP B 623 -17.42 8.92 35.85
N ASN B 624 -17.15 8.64 37.13
CA ASN B 624 -16.06 7.73 37.48
C ASN B 624 -16.28 6.35 36.87
N ALA B 625 -17.53 5.87 36.85
CA ALA B 625 -17.81 4.57 36.27
C ALA B 625 -17.73 4.60 34.75
N MET B 626 -18.13 5.72 34.13
CA MET B 626 -17.95 5.88 32.68
C MET B 626 -16.47 5.88 32.30
N ILE B 627 -15.66 6.62 33.05
CA ILE B 627 -14.21 6.61 32.80
C ILE B 627 -13.65 5.22 32.99
N ALA B 628 -14.02 4.55 34.10
CA ALA B 628 -13.48 3.22 34.39
C ALA B 628 -13.94 2.21 33.36
N ALA B 629 -15.08 2.44 32.70
CA ALA B 629 -15.57 1.57 31.65
C ALA B 629 -14.91 1.84 30.30
N GLY B 630 -14.10 2.88 30.19
CA GLY B 630 -13.55 3.24 28.90
C GLY B 630 -14.56 3.86 27.96
N LEU B 631 -15.67 4.38 28.48
CA LEU B 631 -16.73 4.95 27.66
C LEU B 631 -16.91 6.44 27.86
N ASN B 632 -15.96 7.10 28.53
CA ASN B 632 -16.06 8.52 28.80
C ASN B 632 -15.72 9.34 27.56
N GLU B 633 -16.38 10.48 27.43
CA GLU B 633 -16.08 11.43 26.38
C GLU B 633 -14.84 12.24 26.74
N ASP B 634 -14.93 13.56 26.65
CA ASP B 634 -13.81 14.41 27.00
C ASP B 634 -13.70 14.51 28.52
N PRO B 635 -12.56 14.16 29.13
CA PRO B 635 -12.42 14.30 30.58
C PRO B 635 -12.25 15.73 31.07
N ARG B 636 -11.94 16.68 30.17
CA ARG B 636 -11.72 18.06 30.63
C ARG B 636 -12.96 18.70 31.21
N PRO B 637 -14.15 18.64 30.57
CA PRO B 637 -15.31 19.35 31.14
C PRO B 637 -15.73 18.88 32.52
N MET B 638 -15.36 17.66 32.93
CA MET B 638 -15.76 17.17 34.24
C MET B 638 -14.82 17.64 35.35
N ILE B 639 -13.63 18.14 35.00
CA ILE B 639 -12.72 18.65 36.02
C ILE B 639 -13.33 19.84 36.75
N SER B 640 -14.03 20.70 36.00
CA SER B 640 -14.69 21.85 36.62
C SER B 640 -15.75 21.41 37.62
N ARG B 641 -16.52 20.38 37.27
CA ARG B 641 -17.54 19.88 38.20
C ARG B 641 -16.91 19.17 39.39
N LEU B 642 -15.83 18.42 39.15
CA LEU B 642 -15.17 17.68 40.22
C LEU B 642 -14.56 18.60 41.25
N ASN B 643 -13.93 19.70 40.81
CA ASN B 643 -13.38 20.65 41.76
C ASN B 643 -14.48 21.29 42.60
N GLN B 644 -15.66 21.51 42.02
CA GLN B 644 -16.78 22.02 42.80
C GLN B 644 -17.27 21.00 43.82
N LEU B 645 -17.21 19.71 43.48
CA LEU B 645 -17.62 18.68 44.43
C LEU B 645 -16.61 18.55 45.56
N LEU B 646 -15.31 18.70 45.26
CA LEU B 646 -14.30 18.55 46.29
C LEU B 646 -14.36 19.69 47.32
N THR B 647 -14.62 20.92 46.87
CA THR B 647 -14.73 22.03 47.82
C THR B 647 -15.92 21.84 48.75
N ARG B 648 -17.06 21.40 48.21
CA ARG B 648 -18.26 21.25 49.02
C ARG B 648 -18.17 20.05 49.96
N ALA B 649 -17.50 18.97 49.52
CA ALA B 649 -17.32 17.82 50.39
C ALA B 649 -16.41 18.16 51.57
N LEU B 650 -15.40 18.99 51.33
CA LEU B 650 -14.47 19.42 52.37
C LEU B 650 -14.97 20.63 53.16
N GLU B 651 -16.29 20.73 53.35
CA GLU B 651 -16.91 21.83 54.10
C GLU B 651 -16.57 23.19 53.50
#